data_3MGX
#
_entry.id   3MGX
#
_cell.length_a   65.850
_cell.length_b   61.050
_cell.length_c   100.640
_cell.angle_alpha   90.00
_cell.angle_beta   102.48
_cell.angle_gamma   90.00
#
_symmetry.space_group_name_H-M   'P 1 21 1'
#
loop_
_entity.id
_entity.type
_entity.pdbx_description
1 polymer 'Putative P450 monooxygenase'
2 non-polymer 'PROTOPORPHYRIN IX CONTAINING FE'
3 non-polymer GLYCEROL
4 water water
#
_entity_poly.entity_id   1
_entity_poly.type   'polypeptide(L)'
_entity_poly.pdbx_seq_one_letter_code
;GSSHHHHHHSSGLVPRGSHMQTTNAVDLGNPDLYTTLERHARWRELAAEDAMVWSDPGSSPSGFWSVFSHRACAAVLAPS
APLTSEYGMMIGFDRDHPDNSGGRMMVVSEHEQHRKLRKLVGPLLSRAAARKLAERVRIEVGDVLGRVLDGEVCDAATAI
GPRIPAAVVCEILGVPAEDEDMLIDLTNHAFGGEDELFDGMTPRQAHTEILVYFDELITARRKEPGDDLVSTLVTDDDLT
IDDVLLNCDNVLIGGNETTRHAITGAVHALATVPGLLTALRDGSADVDTVVEEVLRWTSPAMHVLRVTTADVTINGRDLP
SGTPVVAWLPAANRDPAEFDDPDTFLPGRKPNRHITFGHGMHHCLGSALARIELSVVLRVLAERVSRVDLEREPAWLRAI
VVQGYRELPVRFTGR
;
_entity_poly.pdbx_strand_id   A,B
#
# COMPACT_ATOMS: atom_id res chain seq x y z
N ALA A 25 15.68 -5.75 18.05
CA ALA A 25 15.97 -4.28 17.98
C ALA A 25 15.04 -3.58 16.99
N VAL A 26 14.38 -2.53 17.46
CA VAL A 26 13.44 -1.76 16.64
C VAL A 26 14.04 -0.41 16.27
N ASP A 27 13.96 -0.07 14.98
CA ASP A 27 14.40 1.24 14.49
C ASP A 27 13.35 1.81 13.54
N LEU A 28 12.54 2.74 14.06
CA LEU A 28 11.48 3.37 13.28
C LEU A 28 12.00 4.45 12.34
N GLY A 29 13.31 4.72 12.40
CA GLY A 29 13.95 5.67 11.49
C GLY A 29 14.42 5.05 10.20
N ASN A 30 14.18 3.75 10.04
CA ASN A 30 14.52 3.01 8.83
C ASN A 30 13.55 3.35 7.70
N PRO A 31 14.06 3.92 6.60
CA PRO A 31 13.24 4.37 5.47
C PRO A 31 12.53 3.25 4.71
N ASP A 32 13.02 2.02 4.86
CA ASP A 32 12.45 0.85 4.16
C ASP A 32 11.05 0.48 4.65
N LEU A 33 10.72 0.90 5.87
CA LEU A 33 9.40 0.63 6.46
C LEU A 33 8.29 1.45 5.80
N TYR A 34 8.69 2.52 5.09
CA TYR A 34 7.75 3.51 4.59
C TYR A 34 7.75 3.63 3.07
N THR A 35 8.45 2.71 2.41
CA THR A 35 8.55 2.69 0.95
C THR A 35 7.23 2.20 0.31
N THR A 36 6.44 1.46 1.07
CA THR A 36 5.12 1.00 0.61
C THR A 36 4.00 1.57 1.46
N LEU A 37 2.77 1.44 0.99
CA LEU A 37 1.59 1.94 1.71
C LEU A 37 1.24 1.12 2.95
N GLU A 38 1.96 0.04 3.17
CA GLU A 38 1.82 -0.79 4.39
C GLU A 38 2.22 -0.02 5.65
N ARG A 39 2.88 1.11 5.48
CA ARG A 39 3.24 2.01 6.58
C ARG A 39 2.01 2.45 7.37
N HIS A 40 0.87 2.59 6.67
CA HIS A 40 -0.40 2.95 7.29
C HIS A 40 -0.91 1.86 8.23
N ALA A 41 -0.69 0.60 7.86
CA ALA A 41 -1.09 -0.54 8.69
C ALA A 41 -0.29 -0.59 9.99
N ARG A 42 1.03 -0.40 9.88
CA ARG A 42 1.91 -0.30 11.04
C ARG A 42 1.49 0.86 11.95
N TRP A 43 1.22 2.01 11.33
CA TRP A 43 0.79 3.20 12.04
C TRP A 43 -0.59 3.06 12.68
N ARG A 44 -1.52 2.39 11.98
CA ARG A 44 -2.88 2.18 12.48
C ARG A 44 -2.88 1.37 13.78
N GLU A 45 -2.06 0.32 13.81
CA GLU A 45 -1.91 -0.54 14.98
C GLU A 45 -1.42 0.27 16.19
N LEU A 46 -0.39 1.08 15.96
CA LEU A 46 0.26 1.85 17.02
C LEU A 46 -0.58 3.05 17.48
N ALA A 47 -1.37 3.60 16.56
CA ALA A 47 -2.23 4.76 16.86
C ALA A 47 -3.45 4.36 17.69
N ALA A 48 -4.09 3.25 17.32
CA ALA A 48 -5.27 2.74 18.03
C ALA A 48 -4.94 2.25 19.43
N GLU A 49 -3.73 1.70 19.59
CA GLU A 49 -3.23 1.25 20.89
C GLU A 49 -2.67 2.40 21.73
N ASP A 50 -2.40 3.52 21.07
CA ASP A 50 -1.73 4.69 21.67
C ASP A 50 -0.39 4.27 22.29
N ALA A 51 0.51 3.79 21.44
CA ALA A 51 1.75 3.16 21.89
C ALA A 51 2.94 4.11 21.99
N MET A 52 3.81 3.82 22.96
CA MET A 52 5.10 4.49 23.10
C MET A 52 6.21 3.50 22.79
N VAL A 53 6.77 3.61 21.59
CA VAL A 53 7.79 2.67 21.11
C VAL A 53 9.18 3.28 21.13
N TRP A 54 10.11 2.59 21.78
CA TRP A 54 11.51 3.00 21.81
C TRP A 54 12.26 2.45 20.60
N SER A 55 12.99 3.33 19.92
CA SER A 55 13.83 2.92 18.80
C SER A 55 15.30 2.93 19.19
N ASP A 56 15.99 1.83 18.90
CA ASP A 56 17.42 1.70 19.17
C ASP A 56 18.25 2.50 18.17
N PRO A 57 19.45 2.95 18.58
CA PRO A 57 20.35 3.68 17.68
C PRO A 57 20.65 2.93 16.38
N GLY A 58 20.72 3.69 15.29
CA GLY A 58 20.99 3.15 13.95
C GLY A 58 20.96 4.30 12.96
N SER A 59 19.75 4.64 12.53
CA SER A 59 19.53 5.88 11.76
C SER A 59 19.59 7.06 12.72
N SER A 60 19.25 6.81 13.98
CA SER A 60 19.38 7.78 15.05
C SER A 60 20.70 7.55 15.79
N PRO A 61 21.38 8.63 16.22
CA PRO A 61 22.66 8.47 16.93
C PRO A 61 22.51 8.07 18.40
N SER A 62 21.33 8.29 18.98
CA SER A 62 21.09 7.97 20.39
C SER A 62 19.78 7.24 20.65
N GLY A 63 18.96 7.12 19.61
CA GLY A 63 17.64 6.50 19.73
C GLY A 63 16.56 7.50 20.09
N PHE A 64 15.30 7.06 20.05
CA PHE A 64 14.16 7.93 20.29
C PHE A 64 12.87 7.18 20.65
N TRP A 65 12.01 7.84 21.42
CA TRP A 65 10.65 7.36 21.67
C TRP A 65 9.71 7.92 20.60
N SER A 66 8.60 7.22 20.36
CA SER A 66 7.64 7.62 19.33
C SER A 66 6.19 7.55 19.81
N VAL A 67 5.42 8.57 19.45
CA VAL A 67 3.97 8.59 19.67
C VAL A 67 3.24 8.59 18.32
N PHE A 68 2.01 8.07 18.31
CA PHE A 68 1.32 7.81 17.04
C PHE A 68 -0.12 8.33 16.98
N SER A 69 -0.82 8.31 18.11
CA SER A 69 -2.21 8.76 18.16
C SER A 69 -2.34 10.28 18.08
N HIS A 70 -3.52 10.74 17.70
CA HIS A 70 -3.82 12.18 17.59
C HIS A 70 -3.61 12.90 18.93
N ARG A 71 -4.11 12.30 20.01
CA ARG A 71 -4.05 12.91 21.34
C ARG A 71 -2.64 12.93 21.94
N ALA A 72 -1.83 11.92 21.61
CA ALA A 72 -0.46 11.83 22.11
C ALA A 72 0.47 12.79 21.37
N CYS A 73 0.30 12.88 20.06
CA CYS A 73 1.10 13.77 19.22
C CYS A 73 0.83 15.24 19.52
N ALA A 74 -0.44 15.56 19.82
CA ALA A 74 -0.84 16.92 20.18
C ALA A 74 -0.29 17.33 21.54
N ALA A 75 -0.22 16.38 22.47
CA ALA A 75 0.31 16.62 23.82
C ALA A 75 1.82 16.86 23.81
N VAL A 76 2.53 16.14 22.96
CA VAL A 76 3.98 16.29 22.81
C VAL A 76 4.33 17.66 22.20
N LEU A 77 3.52 18.11 21.24
CA LEU A 77 3.78 19.35 20.52
C LEU A 77 3.13 20.59 21.14
N ALA A 78 2.46 20.41 22.28
CA ALA A 78 1.75 21.49 22.98
C ALA A 78 2.69 22.63 23.40
N PRO A 79 2.18 23.88 23.41
CA PRO A 79 2.98 25.05 23.78
C PRO A 79 3.50 25.02 25.23
N SER A 80 2.72 24.43 26.12
CA SER A 80 3.09 24.34 27.54
C SER A 80 3.94 23.10 27.86
N ALA A 81 4.12 22.23 26.87
CA ALA A 81 4.89 21.00 27.04
C ALA A 81 6.40 21.27 27.09
N PRO A 82 7.09 20.69 28.08
CA PRO A 82 8.53 20.90 28.25
C PRO A 82 9.40 20.14 27.23
N LEU A 83 9.30 20.54 25.97
CA LEU A 83 10.11 19.96 24.89
C LEU A 83 10.64 21.07 23.97
N THR A 84 11.77 20.81 23.32
CA THR A 84 12.44 21.83 22.50
C THR A 84 12.84 21.34 21.10
N SER A 85 12.97 22.29 20.19
CA SER A 85 13.40 22.04 18.81
C SER A 85 14.83 22.55 18.57
N GLU A 86 15.40 23.20 19.58
CA GLU A 86 16.69 23.89 19.46
C GLU A 86 17.88 23.01 19.06
N TYR A 87 17.76 21.70 19.30
CA TYR A 87 18.81 20.75 18.94
C TYR A 87 18.51 20.05 17.62
N GLY A 88 17.35 20.35 17.06
CA GLY A 88 16.87 19.70 15.84
C GLY A 88 15.43 19.25 15.97
N MET A 89 14.77 19.01 14.84
CA MET A 89 13.39 18.51 14.84
C MET A 89 13.18 17.30 13.91
N MET A 90 14.28 16.63 13.57
CA MET A 90 14.23 15.43 12.73
C MET A 90 15.14 14.32 13.27
N ILE A 91 14.85 13.08 12.91
CA ILE A 91 15.68 11.92 13.25
C ILE A 91 17.10 12.15 12.72
N GLY A 92 18.08 11.88 13.57
CA GLY A 92 19.48 12.14 13.26
C GLY A 92 20.07 13.16 14.21
N PHE A 93 19.21 14.00 14.78
CA PHE A 93 19.63 15.03 15.72
C PHE A 93 19.07 14.80 17.13
N ASP A 94 19.87 15.16 18.13
CA ASP A 94 19.45 15.20 19.54
C ASP A 94 20.31 16.20 20.32
N ARG A 95 20.24 16.14 21.65
CA ARG A 95 21.02 17.04 22.50
C ARG A 95 22.53 16.82 22.38
N ASP A 96 22.92 15.55 22.24
CA ASP A 96 24.34 15.18 22.13
C ASP A 96 24.88 15.35 20.71
N HIS A 97 23.99 15.25 19.72
CA HIS A 97 24.34 15.48 18.33
C HIS A 97 23.39 16.53 17.72
N PRO A 98 23.70 17.82 17.95
CA PRO A 98 22.77 18.91 17.60
C PRO A 98 22.77 19.31 16.13
N ASP A 99 21.65 19.85 15.67
CA ASP A 99 21.52 20.43 14.34
C ASP A 99 22.43 21.66 14.25
N ASN A 100 23.23 21.73 13.20
CA ASN A 100 24.16 22.83 12.97
C ASN A 100 23.45 24.18 12.84
N SER A 101 22.21 24.15 12.36
CA SER A 101 21.38 25.34 12.23
C SER A 101 20.70 25.72 13.55
N GLY A 102 20.80 24.83 14.54
CA GLY A 102 20.12 24.99 15.83
C GLY A 102 20.32 26.33 16.52
N GLY A 103 19.21 27.01 16.77
CA GLY A 103 19.22 28.31 17.43
C GLY A 103 19.29 29.49 16.47
N ARG A 104 19.55 29.20 15.20
CA ARG A 104 19.67 30.24 14.17
C ARG A 104 18.51 30.18 13.17
N MET A 105 18.22 28.98 12.68
CA MET A 105 17.09 28.75 11.79
C MET A 105 15.80 28.66 12.59
N MET A 106 14.74 29.31 12.09
CA MET A 106 13.45 29.41 12.77
C MET A 106 12.92 28.08 13.33
N VAL A 107 12.90 27.06 12.47
CA VAL A 107 12.30 25.77 12.82
C VAL A 107 13.09 25.01 13.90
N VAL A 108 14.37 25.36 14.05
CA VAL A 108 15.22 24.75 15.07
C VAL A 108 15.71 25.77 16.11
N SER A 109 14.89 26.78 16.37
CA SER A 109 15.17 27.77 17.41
C SER A 109 13.97 27.92 18.34
N GLU A 110 14.22 28.46 19.54
CA GLU A 110 13.16 28.65 20.53
C GLU A 110 13.21 30.06 21.13
N HIS A 111 12.28 30.32 22.05
CA HIS A 111 12.22 31.57 22.82
C HIS A 111 12.14 32.82 21.94
N GLU A 112 12.95 33.83 22.23
CA GLU A 112 12.86 35.12 21.56
C GLU A 112 13.42 35.13 20.14
N GLN A 113 14.40 34.26 19.86
CA GLN A 113 14.97 34.14 18.52
C GLN A 113 13.95 33.52 17.56
N HIS A 114 13.19 32.54 18.05
CA HIS A 114 12.11 31.94 17.28
C HIS A 114 10.96 32.92 17.07
N ARG A 115 10.60 33.63 18.13
CA ARG A 115 9.52 34.62 18.08
C ARG A 115 9.84 35.76 17.13
N LYS A 116 11.10 36.19 17.12
CA LYS A 116 11.57 37.27 16.24
C LYS A 116 11.44 36.89 14.76
N LEU A 117 12.00 35.73 14.40
CA LEU A 117 11.97 35.26 13.01
C LEU A 117 10.56 34.98 12.51
N ARG A 118 9.72 34.43 13.38
CA ARG A 118 8.32 34.17 13.05
C ARG A 118 7.55 35.48 12.84
N LYS A 119 8.00 36.54 13.53
CA LYS A 119 7.42 37.87 13.38
C LYS A 119 7.87 38.53 12.08
N LEU A 120 9.12 38.30 11.69
CA LEU A 120 9.69 38.87 10.47
C LEU A 120 9.20 38.20 9.19
N VAL A 121 9.07 36.87 9.24
CA VAL A 121 8.67 36.08 8.07
C VAL A 121 7.13 35.95 7.99
N GLY A 122 6.49 35.92 9.16
CA GLY A 122 5.03 35.77 9.30
C GLY A 122 4.10 36.43 8.30
N PRO A 123 4.09 37.78 8.23
CA PRO A 123 3.18 38.52 7.34
C PRO A 123 3.39 38.23 5.86
N LEU A 124 4.58 37.73 5.50
CA LEU A 124 4.89 37.37 4.12
C LEU A 124 4.31 36.00 3.72
N LEU A 125 3.83 35.25 4.71
CA LEU A 125 3.23 33.94 4.49
C LEU A 125 1.78 33.88 5.01
N SER A 126 1.26 35.04 5.40
CA SER A 126 -0.08 35.14 5.99
C SER A 126 -1.20 34.93 4.98
N ARG A 127 -2.43 34.86 5.48
CA ARG A 127 -3.62 34.72 4.64
C ARG A 127 -3.67 35.80 3.55
N ALA A 128 -3.41 37.05 3.95
CA ALA A 128 -3.39 38.19 3.05
C ALA A 128 -2.33 38.05 1.96
N ALA A 129 -1.15 37.56 2.34
CA ALA A 129 -0.07 37.31 1.40
C ALA A 129 -0.38 36.13 0.49
N ALA A 130 -1.11 35.15 1.02
CA ALA A 130 -1.53 33.97 0.26
C ALA A 130 -2.53 34.33 -0.85
N ARG A 131 -3.39 35.31 -0.56
CA ARG A 131 -4.41 35.76 -1.50
C ARG A 131 -3.83 36.48 -2.73
N LYS A 132 -2.75 37.24 -2.52
CA LYS A 132 -2.08 37.93 -3.62
C LYS A 132 -1.21 36.98 -4.45
N LEU A 133 -0.91 35.81 -3.89
CA LEU A 133 -0.14 34.78 -4.58
C LEU A 133 -1.03 33.77 -5.32
N ALA A 134 -2.34 33.87 -5.10
CA ALA A 134 -3.32 32.97 -5.71
C ALA A 134 -3.31 33.06 -7.24
N GLU A 135 -3.05 34.26 -7.75
CA GLU A 135 -2.98 34.51 -9.19
C GLU A 135 -1.81 33.76 -9.83
N ARG A 136 -0.67 33.73 -9.16
CA ARG A 136 0.51 33.02 -9.65
C ARG A 136 0.28 31.51 -9.73
N VAL A 137 -0.37 30.95 -8.71
CA VAL A 137 -0.72 29.53 -8.69
C VAL A 137 -1.58 29.17 -9.90
N ARG A 138 -2.58 30.00 -10.19
CA ARG A 138 -3.47 29.80 -11.35
C ARG A 138 -2.69 29.86 -12.67
N ILE A 139 -1.82 30.86 -12.79
CA ILE A 139 -0.97 31.04 -13.99
C ILE A 139 0.00 29.87 -14.17
N GLU A 140 0.59 29.41 -13.06
CA GLU A 140 1.57 28.33 -13.09
C GLU A 140 0.93 26.98 -13.45
N VAL A 141 -0.29 26.74 -12.95
CA VAL A 141 -1.06 25.54 -13.32
C VAL A 141 -1.47 25.61 -14.79
N GLY A 142 -1.90 26.80 -15.23
CA GLY A 142 -2.30 27.04 -16.61
C GLY A 142 -1.17 26.84 -17.61
N ASP A 143 0.03 27.27 -17.24
CA ASP A 143 1.22 27.08 -18.06
C ASP A 143 1.65 25.62 -18.11
N VAL A 144 1.41 24.89 -17.01
CA VAL A 144 1.68 23.45 -16.96
C VAL A 144 0.70 22.69 -17.85
N LEU A 145 -0.58 23.05 -17.77
CA LEU A 145 -1.62 22.43 -18.58
C LEU A 145 -1.57 22.85 -20.06
N GLY A 146 -0.40 23.32 -20.49
CA GLY A 146 -0.16 23.66 -21.89
C GLY A 146 0.65 22.58 -22.59
N ARG A 147 1.32 21.74 -21.80
CA ARG A 147 2.15 20.66 -22.33
C ARG A 147 1.73 19.28 -21.84
N VAL A 148 0.91 19.22 -20.79
CA VAL A 148 0.41 17.95 -20.26
C VAL A 148 -1.04 17.65 -20.68
N LEU A 149 -1.70 18.65 -21.24
CA LEU A 149 -3.10 18.52 -21.69
C LEU A 149 -3.25 17.56 -22.88
N ASP A 150 -2.10 17.06 -23.37
CA ASP A 150 -2.08 16.01 -24.38
C ASP A 150 -2.51 14.69 -23.75
N GLY A 151 -2.78 13.69 -24.60
CA GLY A 151 -3.24 12.38 -24.15
C GLY A 151 -2.30 11.69 -23.17
N GLU A 152 -1.07 11.45 -23.61
CA GLU A 152 -0.07 10.72 -22.83
C GLU A 152 1.35 11.22 -23.16
N VAL A 153 2.27 11.22 -22.18
CA VAL A 153 2.03 10.87 -20.78
C VAL A 153 2.94 11.74 -19.89
N CYS A 154 2.56 11.91 -18.63
CA CYS A 154 3.34 12.74 -17.72
C CYS A 154 3.36 12.23 -16.27
N ASP A 155 4.51 12.39 -15.62
CA ASP A 155 4.67 12.10 -14.21
C ASP A 155 4.16 13.30 -13.40
N ALA A 156 3.38 13.03 -12.37
CA ALA A 156 2.80 14.09 -11.54
C ALA A 156 3.70 14.50 -10.37
N ALA A 157 4.59 13.61 -9.99
CA ALA A 157 5.55 13.89 -8.91
C ALA A 157 6.67 14.84 -9.35
N THR A 158 6.82 14.98 -10.67
CA THR A 158 7.78 15.90 -11.27
C THR A 158 7.10 16.76 -12.33
N ALA A 159 7.52 18.03 -12.41
CA ALA A 159 6.97 19.01 -13.38
C ALA A 159 5.47 19.33 -13.20
N ILE A 160 4.87 18.79 -12.14
CA ILE A 160 3.50 19.12 -11.76
C ILE A 160 3.48 19.51 -10.27
N GLY A 161 3.80 18.54 -9.41
CA GLY A 161 3.86 18.74 -7.97
C GLY A 161 4.86 19.78 -7.49
N PRO A 162 6.14 19.68 -7.92
CA PRO A 162 7.16 20.61 -7.43
C PRO A 162 7.12 22.01 -8.07
N ARG A 163 6.50 22.11 -9.25
CA ARG A 163 6.46 23.36 -10.01
C ARG A 163 5.75 24.49 -9.27
N ILE A 164 4.57 24.19 -8.73
CA ILE A 164 3.71 25.19 -8.09
C ILE A 164 4.34 25.80 -6.82
N PRO A 165 4.80 24.94 -5.87
CA PRO A 165 5.42 25.47 -4.65
C PRO A 165 6.70 26.26 -4.91
N ALA A 166 7.48 25.85 -5.92
CA ALA A 166 8.73 26.52 -6.27
C ALA A 166 8.49 27.94 -6.78
N ALA A 167 7.45 28.10 -7.59
CA ALA A 167 7.07 29.40 -8.13
C ALA A 167 6.63 30.36 -7.04
N VAL A 168 5.88 29.84 -6.07
CA VAL A 168 5.39 30.63 -4.94
C VAL A 168 6.53 31.09 -4.04
N VAL A 169 7.43 30.17 -3.71
CA VAL A 169 8.61 30.47 -2.88
C VAL A 169 9.52 31.50 -3.55
N CYS A 170 9.64 31.41 -4.87
CA CYS A 170 10.37 32.39 -5.67
C CYS A 170 9.86 33.82 -5.46
N GLU A 171 8.54 34.00 -5.49
CA GLU A 171 7.92 35.32 -5.32
C GLU A 171 7.98 35.82 -3.87
N ILE A 172 8.01 34.89 -2.92
CA ILE A 172 8.18 35.23 -1.50
C ILE A 172 9.57 35.82 -1.27
N LEU A 173 10.58 35.14 -1.80
CA LEU A 173 11.98 35.58 -1.68
C LEU A 173 12.25 36.83 -2.51
N GLY A 174 11.34 37.15 -3.43
CA GLY A 174 11.44 38.32 -4.29
C GLY A 174 12.54 38.19 -5.33
N VAL A 175 12.68 36.99 -5.88
CA VAL A 175 13.68 36.74 -6.92
C VAL A 175 13.23 37.37 -8.25
N PRO A 176 14.17 37.97 -9.00
CA PRO A 176 13.85 38.54 -10.31
C PRO A 176 13.23 37.51 -11.25
N ALA A 177 12.26 37.94 -12.04
CA ALA A 177 11.56 37.08 -13.00
C ALA A 177 12.50 36.43 -14.01
N GLU A 178 13.61 37.11 -14.28
CA GLU A 178 14.65 36.64 -15.21
C GLU A 178 15.31 35.35 -14.74
N ASP A 179 15.39 35.18 -13.42
CA ASP A 179 16.08 34.05 -12.82
C ASP A 179 15.13 32.96 -12.31
N GLU A 180 13.83 33.18 -12.45
CA GLU A 180 12.82 32.27 -11.91
C GLU A 180 12.93 30.85 -12.48
N ASP A 181 13.00 30.73 -13.80
CA ASP A 181 13.08 29.42 -14.46
C ASP A 181 14.30 28.60 -14.06
N MET A 182 15.42 29.28 -13.82
CA MET A 182 16.64 28.65 -13.30
C MET A 182 16.39 28.12 -11.88
N LEU A 183 15.75 28.95 -11.05
CA LEU A 183 15.50 28.62 -9.65
C LEU A 183 14.42 27.55 -9.46
N ILE A 184 13.42 27.54 -10.35
CA ILE A 184 12.38 26.51 -10.34
C ILE A 184 12.99 25.13 -10.56
N ASP A 185 13.80 25.01 -11.60
CA ASP A 185 14.45 23.75 -11.98
C ASP A 185 15.36 23.20 -10.88
N LEU A 186 16.13 24.09 -10.26
CA LEU A 186 17.03 23.70 -9.17
C LEU A 186 16.26 23.31 -7.91
N THR A 187 15.16 24.02 -7.63
CA THR A 187 14.27 23.68 -6.52
C THR A 187 13.59 22.33 -6.73
N ASN A 188 13.14 22.09 -7.96
CA ASN A 188 12.54 20.81 -8.34
C ASN A 188 13.43 19.61 -8.03
N HIS A 189 14.71 19.73 -8.38
CA HIS A 189 15.67 18.65 -8.20
C HIS A 189 16.19 18.53 -6.77
N ALA A 190 16.22 19.67 -6.05
CA ALA A 190 16.77 19.73 -4.69
C ALA A 190 15.96 18.93 -3.66
N PHE A 191 14.67 18.76 -3.91
CA PHE A 191 13.80 18.05 -2.97
C PHE A 191 13.04 16.87 -3.62
N GLY A 192 13.54 16.41 -4.77
CA GLY A 192 12.94 15.30 -5.50
C GLY A 192 13.68 13.99 -5.30
N GLY A 193 13.64 13.14 -6.32
CA GLY A 193 14.33 11.86 -6.31
C GLY A 193 15.83 12.01 -6.14
N GLU A 194 16.40 11.20 -5.25
CA GLU A 194 17.82 11.29 -4.90
C GLU A 194 18.76 10.90 -6.03
N ASP A 195 18.33 9.96 -6.87
CA ASP A 195 19.12 9.53 -8.02
C ASP A 195 18.22 9.15 -9.20
N GLY A 200 23.58 16.15 -14.94
CA GLY A 200 23.93 15.18 -13.92
C GLY A 200 24.14 15.81 -12.56
N MET A 201 23.10 16.46 -12.05
CA MET A 201 23.15 17.11 -10.74
C MET A 201 22.55 16.25 -9.63
N THR A 202 23.12 16.38 -8.43
CA THR A 202 22.60 15.73 -7.23
C THR A 202 21.67 16.72 -6.51
N PRO A 203 20.58 16.21 -5.88
CA PRO A 203 19.71 17.05 -5.06
C PRO A 203 20.46 17.93 -4.05
N ARG A 204 21.54 17.40 -3.48
CA ARG A 204 22.37 18.14 -2.53
C ARG A 204 23.16 19.25 -3.23
N GLN A 205 23.63 18.97 -4.45
CA GLN A 205 24.34 19.95 -5.27
C GLN A 205 23.41 21.06 -5.72
N ALA A 206 22.19 20.68 -6.12
CA ALA A 206 21.17 21.64 -6.54
C ALA A 206 20.75 22.56 -5.40
N HIS A 207 20.68 22.00 -4.19
CA HIS A 207 20.39 22.76 -2.97
C HIS A 207 21.49 23.80 -2.73
N THR A 208 22.75 23.39 -2.91
CA THR A 208 23.90 24.26 -2.74
C THR A 208 23.89 25.43 -3.73
N GLU A 209 23.56 25.13 -4.98
CA GLU A 209 23.48 26.15 -6.04
C GLU A 209 22.45 27.23 -5.74
N ILE A 210 21.34 26.84 -5.11
CA ILE A 210 20.31 27.79 -4.66
C ILE A 210 20.86 28.70 -3.57
N LEU A 211 21.55 28.10 -2.60
CA LEU A 211 22.16 28.83 -1.49
C LEU A 211 23.26 29.78 -1.96
N VAL A 212 23.98 29.38 -3.00
CA VAL A 212 24.98 30.23 -3.66
C VAL A 212 24.29 31.44 -4.30
N TYR A 213 23.15 31.20 -4.94
CA TYR A 213 22.33 32.27 -5.50
C TYR A 213 21.77 33.16 -4.38
N PHE A 214 21.34 32.54 -3.29
CA PHE A 214 20.83 33.26 -2.12
C PHE A 214 21.85 34.28 -1.61
N ASP A 215 23.10 33.85 -1.49
CA ASP A 215 24.19 34.72 -1.04
C ASP A 215 24.38 35.91 -1.99
N GLU A 216 24.30 35.65 -3.29
CA GLU A 216 24.38 36.70 -4.31
C GLU A 216 23.18 37.64 -4.25
N LEU A 217 22.02 37.09 -3.91
CA LEU A 217 20.79 37.87 -3.76
C LEU A 217 20.81 38.71 -2.48
N ILE A 218 21.36 38.13 -1.41
CA ILE A 218 21.52 38.84 -0.13
C ILE A 218 22.40 40.08 -0.30
N THR A 219 23.50 39.93 -1.04
CA THR A 219 24.44 41.02 -1.31
C THR A 219 23.77 42.18 -2.06
N ALA A 220 22.97 41.83 -3.07
CA ALA A 220 22.29 42.83 -3.89
C ALA A 220 21.16 43.56 -3.15
N ARG A 221 20.53 42.86 -2.20
CA ARG A 221 19.44 43.43 -1.41
C ARG A 221 19.93 44.27 -0.22
N ARG A 222 21.22 44.13 0.10
CA ARG A 222 21.86 44.98 1.10
C ARG A 222 22.05 46.39 0.55
N LYS A 223 22.47 46.47 -0.72
CA LYS A 223 22.65 47.74 -1.41
C LYS A 223 21.31 48.36 -1.81
N GLU A 224 20.42 47.52 -2.35
CA GLU A 224 19.12 47.97 -2.83
C GLU A 224 17.99 47.10 -2.28
N PRO A 225 17.42 47.48 -1.11
CA PRO A 225 16.33 46.72 -0.49
C PRO A 225 15.00 46.97 -1.18
N GLY A 226 14.13 45.96 -1.17
CA GLY A 226 12.80 46.04 -1.76
C GLY A 226 11.71 45.54 -0.84
N ASP A 227 10.67 44.94 -1.43
CA ASP A 227 9.56 44.39 -0.67
C ASP A 227 9.52 42.87 -0.83
N ASP A 228 10.42 42.19 -0.11
CA ASP A 228 10.57 40.74 -0.19
C ASP A 228 11.14 40.14 1.09
N LEU A 229 11.25 38.82 1.13
CA LEU A 229 11.76 38.10 2.30
C LEU A 229 13.23 38.41 2.59
N VAL A 230 14.05 38.40 1.54
CA VAL A 230 15.48 38.70 1.66
C VAL A 230 15.70 40.12 2.20
N SER A 231 14.95 41.07 1.65
CA SER A 231 15.02 42.48 2.08
C SER A 231 14.63 42.67 3.55
N THR A 232 13.56 41.98 3.97
CA THR A 232 13.08 42.05 5.36
C THR A 232 14.10 41.47 6.33
N LEU A 233 14.80 40.43 5.91
CA LEU A 233 15.79 39.74 6.74
C LEU A 233 17.11 40.50 6.88
N VAL A 234 17.53 41.19 5.81
CA VAL A 234 18.81 41.91 5.81
C VAL A 234 18.75 43.29 6.47
N THR A 235 17.55 43.89 6.51
CA THR A 235 17.35 45.19 7.15
C THR A 235 17.52 45.10 8.67
N ASP A 236 17.23 43.94 9.23
CA ASP A 236 17.46 43.66 10.65
C ASP A 236 18.96 43.47 10.86
N ASP A 237 19.59 44.47 11.48
CA ASP A 237 21.04 44.51 11.66
C ASP A 237 21.54 43.54 12.75
N ASP A 238 20.62 43.03 13.56
CA ASP A 238 20.96 42.06 14.60
C ASP A 238 21.23 40.68 14.03
N LEU A 239 20.62 40.39 12.88
CA LEU A 239 20.82 39.12 12.18
C LEU A 239 22.07 39.17 11.31
N THR A 240 22.91 38.15 11.44
CA THR A 240 24.12 38.01 10.63
C THR A 240 23.78 37.47 9.24
N ILE A 241 24.76 37.48 8.34
CA ILE A 241 24.60 36.95 6.98
C ILE A 241 24.26 35.45 6.99
N ASP A 242 24.72 34.75 8.01
CA ASP A 242 24.43 33.33 8.18
C ASP A 242 22.98 33.10 8.63
N ASP A 243 22.48 34.00 9.47
CA ASP A 243 21.10 33.95 9.95
C ASP A 243 20.09 34.20 8.83
N VAL A 244 20.42 35.16 7.96
CA VAL A 244 19.59 35.48 6.79
C VAL A 244 19.56 34.29 5.83
N LEU A 245 20.74 33.71 5.57
CA LEU A 245 20.88 32.58 4.66
C LEU A 245 20.11 31.34 5.14
N LEU A 246 20.19 31.06 6.44
CA LEU A 246 19.56 29.88 7.03
C LEU A 246 18.04 29.98 7.09
N ASN A 247 17.54 31.20 7.28
CA ASN A 247 16.10 31.43 7.33
C ASN A 247 15.46 31.59 5.95
N CYS A 248 16.28 31.98 4.96
CA CYS A 248 15.89 31.89 3.56
C CYS A 248 15.79 30.42 3.15
N ASP A 249 16.70 29.62 3.70
CA ASP A 249 16.73 28.18 3.48
C ASP A 249 15.55 27.48 4.15
N ASN A 250 15.15 27.96 5.33
CA ASN A 250 13.98 27.44 6.04
C ASN A 250 12.71 27.61 5.22
N VAL A 251 12.59 28.75 4.54
CA VAL A 251 11.45 29.02 3.67
C VAL A 251 11.54 28.18 2.39
N LEU A 252 12.76 28.01 1.87
CA LEU A 252 13.00 27.18 0.69
C LEU A 252 12.60 25.73 0.95
N ILE A 253 13.13 25.16 2.03
CA ILE A 253 12.82 23.79 2.44
C ILE A 253 11.34 23.66 2.84
N GLY A 254 10.91 24.55 3.73
CA GLY A 254 9.54 24.54 4.25
C GLY A 254 8.46 24.61 3.19
N GLY A 255 8.65 25.50 2.23
CA GLY A 255 7.67 25.73 1.18
C GLY A 255 7.68 24.74 0.03
N ASN A 256 8.69 23.88 -0.02
CA ASN A 256 8.89 22.98 -1.16
C ASN A 256 8.92 21.49 -0.86
N GLU A 257 9.70 21.09 0.15
CA GLU A 257 9.94 19.68 0.45
C GLU A 257 8.65 18.90 0.74
N THR A 258 7.74 19.53 1.48
CA THR A 258 6.45 18.91 1.83
C THR A 258 5.37 19.21 0.80
N THR A 259 5.24 20.48 0.43
CA THR A 259 4.12 20.96 -0.40
C THR A 259 3.99 20.23 -1.75
N ARG A 260 5.11 19.94 -2.38
CA ARG A 260 5.12 19.27 -3.69
C ARG A 260 4.34 17.94 -3.70
N HIS A 261 4.43 17.21 -2.59
CA HIS A 261 3.76 15.91 -2.47
C HIS A 261 2.28 16.04 -2.15
N ALA A 262 1.91 17.15 -1.52
CA ALA A 262 0.50 17.47 -1.28
C ALA A 262 -0.20 17.84 -2.60
N ILE A 263 0.51 18.55 -3.47
CA ILE A 263 0.00 18.89 -4.81
C ILE A 263 -0.12 17.63 -5.67
N THR A 264 0.90 16.78 -5.63
CA THR A 264 0.88 15.49 -6.32
C THR A 264 -0.25 14.61 -5.77
N GLY A 265 -0.45 14.70 -4.45
CA GLY A 265 -1.55 14.00 -3.77
C GLY A 265 -2.92 14.48 -4.21
N ALA A 266 -3.04 15.78 -4.49
CA ALA A 266 -4.30 16.36 -4.99
C ALA A 266 -4.65 15.82 -6.37
N VAL A 267 -3.64 15.69 -7.23
CA VAL A 267 -3.80 15.06 -8.55
C VAL A 267 -4.15 13.58 -8.38
N HIS A 268 -3.48 12.93 -7.44
CA HIS A 268 -3.71 11.53 -7.12
C HIS A 268 -5.13 11.27 -6.63
N ALA A 269 -5.66 12.18 -5.81
CA ALA A 269 -7.02 12.09 -5.31
C ALA A 269 -8.04 12.27 -6.43
N LEU A 270 -7.80 13.24 -7.30
CA LEU A 270 -8.67 13.50 -8.45
C LEU A 270 -8.67 12.37 -9.46
N ALA A 271 -7.61 11.56 -9.44
CA ALA A 271 -7.48 10.41 -10.34
C ALA A 271 -8.12 9.14 -9.79
N THR A 272 -8.15 9.03 -8.46
CA THR A 272 -8.65 7.81 -7.80
C THR A 272 -10.06 7.93 -7.22
N VAL A 273 -10.35 9.06 -6.57
CA VAL A 273 -11.65 9.27 -5.91
C VAL A 273 -12.73 9.58 -6.94
N PRO A 274 -13.72 8.68 -7.08
CA PRO A 274 -14.75 8.80 -8.13
C PRO A 274 -15.72 9.96 -7.89
N GLY A 275 -15.92 10.77 -8.92
CA GLY A 275 -16.85 11.90 -8.85
C GLY A 275 -16.29 13.17 -8.25
N LEU A 276 -15.08 13.08 -7.68
CA LEU A 276 -14.45 14.21 -7.00
C LEU A 276 -14.21 15.42 -7.91
N LEU A 277 -13.64 15.14 -9.10
CA LEU A 277 -13.34 16.19 -10.08
C LEU A 277 -14.61 16.87 -10.60
N THR A 278 -15.66 16.08 -10.82
CA THR A 278 -16.96 16.60 -11.25
C THR A 278 -17.60 17.41 -10.12
N ALA A 279 -17.51 16.88 -8.90
CA ALA A 279 -18.09 17.54 -7.71
C ALA A 279 -17.49 18.91 -7.45
N LEU A 280 -16.20 19.06 -7.73
CA LEU A 280 -15.52 20.34 -7.62
C LEU A 280 -15.92 21.30 -8.74
N ARG A 281 -16.21 20.74 -9.92
CA ARG A 281 -16.64 21.53 -11.08
C ARG A 281 -18.03 22.13 -10.90
N ASP A 282 -19.00 21.31 -10.48
CA ASP A 282 -20.39 21.77 -10.32
C ASP A 282 -20.65 22.49 -8.99
N GLY A 283 -19.82 22.22 -8.00
CA GLY A 283 -19.89 22.90 -6.71
C GLY A 283 -20.58 22.12 -5.60
N SER A 284 -20.79 20.83 -5.82
CA SER A 284 -21.41 19.96 -4.81
C SER A 284 -20.43 19.59 -3.69
N ALA A 285 -19.13 19.74 -3.97
CA ALA A 285 -18.09 19.57 -2.98
C ALA A 285 -17.42 20.89 -2.66
N ASP A 286 -17.26 21.18 -1.38
CA ASP A 286 -16.64 22.43 -0.93
C ASP A 286 -15.13 22.40 -1.14
N VAL A 287 -14.62 23.45 -1.79
CA VAL A 287 -13.19 23.52 -2.15
C VAL A 287 -12.25 23.53 -0.93
N ASP A 288 -12.60 24.32 0.09
CA ASP A 288 -11.79 24.42 1.29
C ASP A 288 -11.83 23.15 2.14
N THR A 289 -12.98 22.47 2.12
CA THR A 289 -13.15 21.21 2.85
C THR A 289 -12.31 20.09 2.24
N VAL A 290 -12.25 20.03 0.90
CA VAL A 290 -11.43 19.01 0.23
C VAL A 290 -9.93 19.28 0.39
N VAL A 291 -9.55 20.57 0.47
CA VAL A 291 -8.16 20.96 0.75
C VAL A 291 -7.70 20.37 2.07
N GLU A 292 -8.53 20.52 3.10
CA GLU A 292 -8.26 19.97 4.42
C GLU A 292 -8.17 18.45 4.40
N GLU A 293 -8.99 17.81 3.56
CA GLU A 293 -8.96 16.37 3.39
C GLU A 293 -7.70 15.90 2.65
N VAL A 294 -7.28 16.66 1.64
CA VAL A 294 -6.02 16.38 0.94
C VAL A 294 -4.85 16.46 1.93
N LEU A 295 -4.86 17.49 2.78
CA LEU A 295 -3.84 17.68 3.80
C LEU A 295 -3.77 16.54 4.81
N ARG A 296 -4.94 16.11 5.31
CA ARG A 296 -5.03 14.98 6.22
C ARG A 296 -4.61 13.68 5.54
N TRP A 297 -5.12 13.49 4.32
CA TRP A 297 -4.91 12.29 3.53
C TRP A 297 -3.45 12.09 3.09
N THR A 298 -2.78 13.18 2.70
CA THR A 298 -1.38 13.09 2.25
C THR A 298 -0.38 13.15 3.41
N SER A 299 -0.64 14.03 4.37
CA SER A 299 0.27 14.27 5.51
C SER A 299 1.75 14.22 5.11
N PRO A 300 2.21 15.19 4.29
CA PRO A 300 3.56 15.16 3.72
C PRO A 300 4.71 15.16 4.74
N ALA A 301 4.55 15.89 5.85
CA ALA A 301 5.54 15.86 6.91
C ALA A 301 5.35 14.59 7.75
N MET A 302 6.24 13.63 7.55
CA MET A 302 6.09 12.29 8.14
C MET A 302 6.34 12.26 9.65
N HIS A 303 7.29 13.05 10.12
CA HIS A 303 7.60 13.09 11.54
C HIS A 303 8.17 14.44 11.99
N VAL A 304 8.00 14.73 13.27
CA VAL A 304 8.67 15.85 13.92
C VAL A 304 9.29 15.37 15.23
N LEU A 305 10.56 15.72 15.44
CA LEU A 305 11.29 15.32 16.65
C LEU A 305 11.38 16.47 17.65
N ARG A 306 11.33 16.11 18.93
CA ARG A 306 11.50 17.06 20.02
C ARG A 306 12.43 16.48 21.07
N VAL A 307 13.11 17.36 21.80
CA VAL A 307 14.00 16.95 22.89
C VAL A 307 13.46 17.50 24.21
N THR A 308 13.28 16.62 25.19
CA THR A 308 12.75 17.00 26.50
C THR A 308 13.70 17.97 27.22
N THR A 309 13.14 19.01 27.82
CA THR A 309 13.91 20.02 28.54
C THR A 309 14.03 19.68 30.03
N ALA A 310 13.01 19.01 30.56
CA ALA A 310 12.98 18.59 31.96
C ALA A 310 12.39 17.19 32.10
N ASP A 311 12.31 16.70 33.34
CA ASP A 311 11.71 15.40 33.63
C ASP A 311 10.20 15.44 33.38
N VAL A 312 9.74 14.54 32.51
CA VAL A 312 8.33 14.50 32.13
C VAL A 312 7.86 13.05 31.89
N THR A 313 6.59 12.79 32.19
CA THR A 313 5.97 11.50 31.92
C THR A 313 5.03 11.61 30.71
N ILE A 314 5.43 10.98 29.61
CA ILE A 314 4.64 10.99 28.38
C ILE A 314 3.92 9.65 28.21
N ASN A 315 2.60 9.73 28.00
CA ASN A 315 1.71 8.56 27.99
C ASN A 315 1.95 7.98 29.38
N GLY A 316 2.51 6.77 29.42
CA GLY A 316 2.86 6.11 30.67
C GLY A 316 4.31 5.72 30.89
N ARG A 317 5.22 6.49 30.32
CA ARG A 317 6.66 6.25 30.44
C ARG A 317 7.39 7.45 31.02
N ASP A 318 8.24 7.20 32.01
CA ASP A 318 9.02 8.26 32.67
C ASP A 318 10.30 8.55 31.90
N LEU A 319 10.42 9.78 31.42
CA LEU A 319 11.55 10.19 30.59
C LEU A 319 12.40 11.28 31.25
N PRO A 320 13.74 11.12 31.25
CA PRO A 320 14.65 12.13 31.79
C PRO A 320 14.85 13.30 30.82
N SER A 321 15.54 14.33 31.27
CA SER A 321 15.84 15.50 30.45
C SER A 321 16.84 15.18 29.35
N GLY A 322 16.61 15.70 28.16
CA GLY A 322 17.47 15.48 27.00
C GLY A 322 17.16 14.21 26.23
N THR A 323 15.90 13.78 26.30
CA THR A 323 15.45 12.56 25.62
C THR A 323 14.65 12.92 24.35
N PRO A 324 15.04 12.31 23.21
CA PRO A 324 14.34 12.55 21.94
C PRO A 324 12.96 11.89 21.89
N VAL A 325 11.95 12.67 21.50
CA VAL A 325 10.58 12.18 21.34
C VAL A 325 10.07 12.57 19.95
N VAL A 326 9.41 11.63 19.28
CA VAL A 326 8.98 11.83 17.89
C VAL A 326 7.47 11.65 17.71
N ALA A 327 6.86 12.59 17.00
CA ALA A 327 5.44 12.53 16.67
C ALA A 327 5.26 12.17 15.19
N TRP A 328 4.65 11.01 14.93
CA TRP A 328 4.39 10.56 13.58
C TRP A 328 3.04 11.08 13.10
N LEU A 329 3.09 12.14 12.30
CA LEU A 329 1.89 12.91 11.94
C LEU A 329 0.86 12.19 11.06
N PRO A 330 1.29 11.40 10.06
CA PRO A 330 0.32 10.65 9.25
C PRO A 330 -0.43 9.58 10.05
N ALA A 331 0.23 9.05 11.10
CA ALA A 331 -0.40 8.10 12.01
C ALA A 331 -1.52 8.77 12.81
N ALA A 332 -1.24 9.99 13.26
CA ALA A 332 -2.21 10.79 14.02
C ALA A 332 -3.37 11.25 13.14
N ASN A 333 -3.09 11.52 11.87
CA ASN A 333 -4.10 11.96 10.92
C ASN A 333 -4.99 10.84 10.40
N ARG A 334 -4.71 9.61 10.83
CA ARG A 334 -5.53 8.45 10.50
C ARG A 334 -5.94 7.68 11.76
N ASP A 335 -5.79 8.32 12.91
CA ASP A 335 -6.20 7.78 14.21
C ASP A 335 -7.72 7.63 14.27
N PRO A 336 -8.22 6.38 14.42
CA PRO A 336 -9.66 6.08 14.45
C PRO A 336 -10.43 6.73 15.60
N ALA A 337 -9.72 7.08 16.66
CA ALA A 337 -10.31 7.78 17.80
C ALA A 337 -10.67 9.22 17.46
N GLU A 338 -10.05 9.74 16.40
CA GLU A 338 -10.27 11.12 15.95
C GLU A 338 -10.93 11.19 14.58
N PHE A 339 -10.62 10.23 13.72
CA PHE A 339 -11.13 10.22 12.34
C PHE A 339 -11.88 8.93 12.00
N ASP A 340 -13.16 9.07 11.67
CA ASP A 340 -13.99 7.95 11.25
C ASP A 340 -13.64 7.55 9.81
N ASP A 341 -13.53 6.24 9.59
CA ASP A 341 -13.12 5.69 8.30
C ASP A 341 -11.94 6.47 7.70
N PRO A 342 -10.78 6.44 8.39
CA PRO A 342 -9.66 7.34 8.09
C PRO A 342 -8.90 7.02 6.79
N ASP A 343 -9.11 5.81 6.25
CA ASP A 343 -8.43 5.40 5.02
C ASP A 343 -9.13 5.90 3.76
N THR A 344 -10.41 6.26 3.88
CA THR A 344 -11.17 6.78 2.74
C THR A 344 -11.03 8.29 2.64
N PHE A 345 -10.89 8.77 1.41
CA PHE A 345 -10.88 10.20 1.12
C PHE A 345 -12.33 10.68 1.09
N LEU A 346 -12.71 11.44 2.10
CA LEU A 346 -14.06 12.00 2.19
C LEU A 346 -14.06 13.50 1.90
N PRO A 347 -14.59 13.89 0.71
CA PRO A 347 -14.60 15.29 0.26
C PRO A 347 -15.23 16.27 1.25
N GLY A 348 -16.23 15.81 1.99
CA GLY A 348 -16.91 16.66 2.97
C GLY A 348 -16.65 16.29 4.42
N ARG A 349 -15.43 15.79 4.69
CA ARG A 349 -15.07 15.34 6.05
C ARG A 349 -15.08 16.47 7.07
N LYS A 350 -16.01 16.38 8.01
CA LYS A 350 -16.11 17.33 9.12
C LYS A 350 -16.55 16.59 10.39
N PRO A 351 -15.82 16.80 11.51
CA PRO A 351 -14.66 17.68 11.64
C PRO A 351 -13.37 17.08 11.09
N ASN A 352 -12.40 17.94 10.80
CA ASN A 352 -11.10 17.52 10.30
C ASN A 352 -9.98 18.21 11.07
N ARG A 353 -9.69 17.70 12.26
CA ARG A 353 -8.68 18.28 13.15
C ARG A 353 -7.30 17.65 12.93
N HIS A 354 -6.86 17.65 11.68
CA HIS A 354 -5.57 17.07 11.32
C HIS A 354 -4.40 17.93 11.81
N ILE A 355 -3.27 17.27 12.08
CA ILE A 355 -2.06 17.97 12.50
C ILE A 355 -0.95 17.83 11.45
N THR A 356 -1.37 17.92 10.19
CA THR A 356 -0.47 17.88 9.04
C THR A 356 0.59 18.99 9.11
N PHE A 357 0.17 20.15 9.63
CA PHE A 357 1.06 21.30 9.82
C PHE A 357 1.70 21.31 11.21
N GLY A 358 1.59 20.19 11.92
CA GLY A 358 2.08 20.12 13.29
C GLY A 358 1.11 20.76 14.27
N HIS A 359 1.64 21.20 15.40
CA HIS A 359 0.82 21.71 16.50
C HIS A 359 1.67 22.55 17.45
N GLY A 360 1.06 23.56 18.07
CA GLY A 360 1.73 24.36 19.08
C GLY A 360 2.48 25.55 18.51
N MET A 361 3.61 25.87 19.14
CA MET A 361 4.39 27.08 18.84
C MET A 361 5.06 27.06 17.48
N HIS A 362 5.34 25.86 16.98
CA HIS A 362 6.01 25.70 15.69
C HIS A 362 5.05 25.34 14.54
N HIS A 363 3.74 25.46 14.80
CA HIS A 363 2.72 25.21 13.79
C HIS A 363 3.09 25.93 12.49
N CYS A 364 3.12 25.17 11.40
CA CYS A 364 3.57 25.64 10.08
C CYS A 364 3.20 27.09 9.81
N LEU A 365 4.22 27.91 9.60
CA LEU A 365 4.04 29.33 9.31
C LEU A 365 3.43 29.58 7.93
N GLY A 366 3.68 28.66 7.00
CA GLY A 366 3.17 28.79 5.64
C GLY A 366 1.89 28.00 5.37
N SER A 367 1.13 27.73 6.43
CA SER A 367 -0.09 26.92 6.33
C SER A 367 -1.16 27.54 5.42
N ALA A 368 -1.31 28.87 5.49
CA ALA A 368 -2.25 29.59 4.65
C ALA A 368 -1.82 29.56 3.18
N LEU A 369 -0.51 29.56 2.96
CA LEU A 369 0.08 29.47 1.64
C LEU A 369 -0.11 28.08 1.03
N ALA A 370 0.09 27.06 1.87
CA ALA A 370 -0.12 25.67 1.45
C ALA A 370 -1.58 25.41 1.09
N ARG A 371 -2.47 26.03 1.85
CA ARG A 371 -3.92 25.90 1.64
C ARG A 371 -4.38 26.62 0.37
N ILE A 372 -3.82 27.79 0.09
CA ILE A 372 -4.17 28.54 -1.12
C ILE A 372 -3.60 27.88 -2.38
N GLU A 373 -2.45 27.22 -2.25
CA GLU A 373 -1.84 26.50 -3.37
C GLU A 373 -2.69 25.29 -3.77
N LEU A 374 -3.12 24.53 -2.78
CA LEU A 374 -3.98 23.37 -3.02
C LEU A 374 -5.35 23.77 -3.54
N SER A 375 -5.91 24.85 -2.98
CA SER A 375 -7.22 25.37 -3.37
C SER A 375 -7.29 25.74 -4.85
N VAL A 376 -6.27 26.46 -5.33
CA VAL A 376 -6.23 26.89 -6.72
C VAL A 376 -5.94 25.71 -7.66
N VAL A 377 -5.05 24.81 -7.24
CA VAL A 377 -4.74 23.59 -8.01
C VAL A 377 -6.00 22.76 -8.26
N LEU A 378 -6.79 22.53 -7.21
CA LEU A 378 -8.03 21.77 -7.32
C LEU A 378 -9.07 22.49 -8.18
N ARG A 379 -9.10 23.82 -8.10
CA ARG A 379 -10.01 24.64 -8.88
C ARG A 379 -9.73 24.59 -10.38
N VAL A 380 -8.49 24.90 -10.77
CA VAL A 380 -8.09 24.98 -12.19
C VAL A 380 -8.19 23.63 -12.89
N LEU A 381 -7.83 22.56 -12.18
CA LEU A 381 -7.95 21.19 -12.72
C LEU A 381 -9.41 20.75 -12.91
N ALA A 382 -10.31 21.32 -12.10
CA ALA A 382 -11.74 21.07 -12.25
C ALA A 382 -12.34 21.93 -13.37
N GLU A 383 -11.69 23.06 -13.65
CA GLU A 383 -12.15 24.01 -14.66
C GLU A 383 -11.71 23.63 -16.07
N ARG A 384 -10.48 23.11 -16.20
CA ARG A 384 -9.89 22.85 -17.52
C ARG A 384 -9.81 21.37 -17.88
N VAL A 385 -9.57 20.51 -16.88
CA VAL A 385 -9.41 19.08 -17.13
C VAL A 385 -10.73 18.33 -16.88
N SER A 386 -11.16 17.57 -17.87
CA SER A 386 -12.41 16.81 -17.79
C SER A 386 -12.26 15.55 -16.93
N ARG A 387 -11.17 14.83 -17.13
CA ARG A 387 -10.89 13.59 -16.40
C ARG A 387 -9.39 13.30 -16.27
N VAL A 388 -8.97 12.95 -15.05
CA VAL A 388 -7.60 12.53 -14.77
C VAL A 388 -7.61 11.04 -14.45
N ASP A 389 -6.78 10.28 -15.16
CA ASP A 389 -6.75 8.84 -15.00
C ASP A 389 -5.35 8.33 -14.62
N LEU A 390 -5.32 7.38 -13.69
CA LEU A 390 -4.06 6.80 -13.22
C LEU A 390 -3.57 5.70 -14.16
N GLU A 391 -2.30 5.77 -14.53
CA GLU A 391 -1.68 4.77 -15.39
C GLU A 391 -1.27 3.52 -14.61
N ARG A 392 -0.50 3.73 -13.53
CA ARG A 392 -0.02 2.64 -12.68
C ARG A 392 0.18 3.13 -11.25
N GLU A 393 0.39 2.19 -10.33
CA GLU A 393 0.59 2.50 -8.91
C GLU A 393 1.78 3.41 -8.65
N PRO A 394 1.59 4.43 -7.79
CA PRO A 394 2.67 5.36 -7.45
C PRO A 394 3.80 4.73 -6.65
N ALA A 395 5.02 5.19 -6.90
CA ALA A 395 6.18 4.80 -6.11
C ALA A 395 6.44 5.86 -5.03
N TRP A 396 7.08 5.43 -3.95
CA TRP A 396 7.32 6.33 -2.81
C TRP A 396 8.82 6.53 -2.55
N LEU A 397 9.17 7.72 -2.05
CA LEU A 397 10.56 8.06 -1.77
C LEU A 397 11.10 7.31 -0.56
N ARG A 398 12.34 6.87 -0.65
CA ARG A 398 13.03 6.24 0.46
C ARG A 398 13.54 7.31 1.42
N ALA A 399 12.64 7.80 2.27
CA ALA A 399 12.93 8.88 3.21
C ALA A 399 12.01 8.81 4.43
N ILE A 400 12.40 9.50 5.50
CA ILE A 400 11.61 9.55 6.73
C ILE A 400 11.16 10.98 7.08
N VAL A 401 11.80 11.96 6.47
CA VAL A 401 11.44 13.37 6.66
C VAL A 401 10.08 13.65 6.00
N VAL A 402 9.91 13.13 4.80
CA VAL A 402 8.73 13.39 3.99
C VAL A 402 8.05 12.09 3.53
N GLN A 403 6.72 12.08 3.60
CA GLN A 403 5.92 11.05 2.96
C GLN A 403 5.72 11.51 1.52
N GLY A 404 6.64 11.11 0.65
CA GLY A 404 6.73 11.68 -0.69
C GLY A 404 6.56 10.73 -1.86
N TYR A 405 5.98 11.25 -2.94
CA TYR A 405 5.84 10.53 -4.19
C TYR A 405 7.15 10.52 -4.95
N ARG A 406 7.59 9.34 -5.37
CA ARG A 406 8.73 9.21 -6.27
C ARG A 406 8.25 9.43 -7.71
N GLU A 407 7.12 8.81 -8.05
CA GLU A 407 6.47 9.01 -9.34
C GLU A 407 4.96 8.78 -9.27
N LEU A 408 4.21 9.49 -10.12
CA LEU A 408 2.78 9.28 -10.28
C LEU A 408 2.41 9.44 -11.76
N PRO A 409 2.40 8.33 -12.51
CA PRO A 409 2.07 8.35 -13.94
C PRO A 409 0.57 8.55 -14.15
N VAL A 410 0.19 9.62 -14.84
CA VAL A 410 -1.22 9.98 -15.02
C VAL A 410 -1.55 10.44 -16.45
N ARG A 411 -2.82 10.30 -16.81
CA ARG A 411 -3.34 10.75 -18.10
C ARG A 411 -4.26 11.94 -17.91
N PHE A 412 -4.00 13.02 -18.65
CA PHE A 412 -4.84 14.22 -18.61
C PHE A 412 -5.68 14.36 -19.88
N THR A 413 -6.98 14.60 -19.69
CA THR A 413 -7.90 14.84 -20.80
C THR A 413 -8.76 16.06 -20.51
N GLY A 414 -8.71 17.04 -21.41
CA GLY A 414 -9.46 18.28 -21.25
C GLY A 414 -9.96 18.86 -22.55
N ARG A 415 -9.95 20.19 -22.64
CA ARG A 415 -10.42 20.95 -23.82
C ARG A 415 -11.85 20.59 -24.21
N ALA B 25 -23.09 4.63 3.19
CA ALA B 25 -23.26 3.23 2.74
C ALA B 25 -21.95 2.46 2.81
N VAL B 26 -21.99 1.29 3.46
CA VAL B 26 -20.82 0.43 3.59
C VAL B 26 -20.91 -0.72 2.59
N ASP B 27 -19.82 -0.94 1.85
CA ASP B 27 -19.74 -2.04 0.91
C ASP B 27 -18.30 -2.56 0.83
N LEU B 28 -18.00 -3.58 1.61
CA LEU B 28 -16.67 -4.17 1.65
C LEU B 28 -16.42 -5.10 0.46
N GLY B 29 -17.44 -5.27 -0.39
CA GLY B 29 -17.31 -6.04 -1.62
C GLY B 29 -16.83 -5.22 -2.79
N ASN B 30 -16.60 -3.92 -2.54
CA ASN B 30 -16.05 -3.01 -3.53
C ASN B 30 -14.55 -3.29 -3.76
N PRO B 31 -14.19 -3.72 -4.98
CA PRO B 31 -12.81 -4.09 -5.29
C PRO B 31 -11.82 -2.92 -5.23
N ASP B 32 -12.35 -1.70 -5.35
CA ASP B 32 -11.53 -0.48 -5.29
C ASP B 32 -10.92 -0.22 -3.92
N LEU B 33 -11.41 -0.90 -2.91
CA LEU B 33 -10.88 -0.79 -1.55
C LEU B 33 -9.57 -1.57 -1.39
N TYR B 34 -9.26 -2.42 -2.37
CA TYR B 34 -8.15 -3.36 -2.24
C TYR B 34 -7.16 -3.30 -3.40
N THR B 35 -7.22 -2.21 -4.17
CA THR B 35 -6.31 -2.00 -5.30
C THR B 35 -4.92 -1.53 -4.84
N THR B 36 -4.85 -0.97 -3.63
CA THR B 36 -3.58 -0.54 -3.05
C THR B 36 -3.29 -1.28 -1.75
N LEU B 37 -2.07 -1.12 -1.23
CA LEU B 37 -1.66 -1.75 0.03
C LEU B 37 -2.27 -1.08 1.27
N GLU B 38 -3.01 0.00 1.06
CA GLU B 38 -3.78 0.64 2.13
C GLU B 38 -4.84 -0.31 2.70
N ARG B 39 -5.15 -1.36 1.95
CA ARG B 39 -6.09 -2.40 2.39
C ARG B 39 -5.70 -3.01 3.74
N HIS B 40 -4.40 -3.08 3.99
CA HIS B 40 -3.89 -3.66 5.25
C HIS B 40 -4.16 -2.79 6.47
N ALA B 41 -4.18 -1.47 6.27
CA ALA B 41 -4.49 -0.52 7.34
C ALA B 41 -5.95 -0.64 7.76
N ARG B 42 -6.84 -0.71 6.76
CA ARG B 42 -8.26 -0.93 6.97
C ARG B 42 -8.48 -2.25 7.70
N TRP B 43 -7.79 -3.29 7.24
CA TRP B 43 -7.88 -4.61 7.85
C TRP B 43 -7.28 -4.67 9.26
N ARG B 44 -6.24 -3.89 9.50
CA ARG B 44 -5.61 -3.82 10.83
C ARG B 44 -6.57 -3.26 11.87
N GLU B 45 -7.19 -2.14 11.54
CA GLU B 45 -8.16 -1.48 12.42
C GLU B 45 -9.27 -2.45 12.82
N LEU B 46 -9.84 -3.12 11.82
CA LEU B 46 -10.99 -4.00 12.02
C LEU B 46 -10.65 -5.30 12.74
N ALA B 47 -9.46 -5.85 12.49
CA ALA B 47 -9.01 -7.08 13.14
C ALA B 47 -8.66 -6.85 14.61
N ALA B 48 -7.93 -5.77 14.88
CA ALA B 48 -7.47 -5.43 16.23
C ALA B 48 -8.62 -5.12 17.20
N GLU B 49 -9.71 -4.57 16.68
CA GLU B 49 -10.89 -4.28 17.48
C GLU B 49 -11.91 -5.43 17.46
N ASP B 50 -11.60 -6.48 16.69
CA ASP B 50 -12.48 -7.64 16.49
C ASP B 50 -13.85 -7.18 15.98
N ALA B 51 -13.83 -6.39 14.92
CA ALA B 51 -15.04 -5.75 14.37
C ALA B 51 -16.01 -6.73 13.72
N MET B 52 -17.28 -6.35 13.73
CA MET B 52 -18.35 -7.08 13.06
C MET B 52 -19.08 -6.05 12.20
N VAL B 53 -18.76 -6.04 10.90
CA VAL B 53 -19.19 -4.96 10.02
C VAL B 53 -20.23 -5.43 9.00
N TRP B 54 -21.37 -4.73 8.96
CA TRP B 54 -22.39 -4.98 7.95
C TRP B 54 -22.11 -4.19 6.68
N SER B 55 -22.19 -4.87 5.55
CA SER B 55 -22.12 -4.22 4.25
C SER B 55 -23.49 -4.18 3.60
N ASP B 56 -23.86 -3.02 3.09
CA ASP B 56 -25.12 -2.81 2.38
C ASP B 56 -25.04 -3.42 0.97
N PRO B 57 -26.20 -3.74 0.36
CA PRO B 57 -26.26 -4.28 -1.00
C PRO B 57 -25.54 -3.41 -2.04
N GLY B 58 -25.00 -4.06 -3.07
CA GLY B 58 -24.27 -3.39 -4.14
C GLY B 58 -23.47 -4.42 -4.91
N SER B 59 -22.31 -4.78 -4.37
CA SER B 59 -21.50 -5.87 -4.91
C SER B 59 -22.19 -7.21 -4.64
N SER B 60 -22.89 -7.27 -3.51
CA SER B 60 -23.72 -8.42 -3.15
C SER B 60 -25.21 -8.04 -3.27
N PRO B 61 -26.06 -9.02 -3.63
CA PRO B 61 -27.49 -8.73 -3.85
C PRO B 61 -28.28 -8.35 -2.59
N SER B 62 -27.90 -8.88 -1.43
CA SER B 62 -28.66 -8.62 -0.19
C SER B 62 -27.79 -8.21 1.01
N GLY B 63 -26.51 -7.98 0.77
CA GLY B 63 -25.58 -7.57 1.83
C GLY B 63 -24.98 -8.72 2.59
N PHE B 64 -23.99 -8.42 3.44
CA PHE B 64 -23.29 -9.44 4.23
C PHE B 64 -22.58 -8.85 5.45
N TRP B 65 -22.45 -9.68 6.48
CA TRP B 65 -21.62 -9.34 7.64
C TRP B 65 -20.18 -9.79 7.39
N SER B 66 -19.24 -9.14 8.09
CA SER B 66 -17.82 -9.46 7.93
C SER B 66 -17.09 -9.53 9.27
N VAL B 67 -16.22 -10.54 9.39
CA VAL B 67 -15.31 -10.67 10.54
C VAL B 67 -13.87 -10.57 10.06
N PHE B 68 -12.96 -10.20 10.96
CA PHE B 68 -11.60 -9.83 10.56
C PHE B 68 -10.50 -10.44 11.41
N SER B 69 -10.73 -10.55 12.72
CA SER B 69 -9.74 -11.10 13.64
C SER B 69 -9.51 -12.60 13.38
N HIS B 70 -8.35 -13.09 13.82
CA HIS B 70 -7.99 -14.50 13.64
C HIS B 70 -8.99 -15.43 14.34
N ARG B 71 -9.38 -15.08 15.56
CA ARG B 71 -10.31 -15.90 16.34
C ARG B 71 -11.74 -15.89 15.79
N ALA B 72 -12.20 -14.74 15.29
CA ALA B 72 -13.55 -14.63 14.74
C ALA B 72 -13.71 -15.38 13.42
N CYS B 73 -12.66 -15.33 12.59
CA CYS B 73 -12.66 -16.03 11.32
C CYS B 73 -12.67 -17.55 11.50
N ALA B 74 -11.86 -18.04 12.45
CA ALA B 74 -11.78 -19.47 12.76
C ALA B 74 -13.07 -20.01 13.36
N ALA B 75 -13.73 -19.19 14.18
CA ALA B 75 -15.01 -19.55 14.81
C ALA B 75 -16.12 -19.70 13.78
N VAL B 76 -16.17 -18.77 12.82
CA VAL B 76 -17.15 -18.79 11.74
C VAL B 76 -16.96 -19.99 10.81
N LEU B 77 -15.71 -20.43 10.65
CA LEU B 77 -15.39 -21.55 9.77
C LEU B 77 -15.27 -22.89 10.50
N ALA B 78 -15.48 -22.88 11.81
CA ALA B 78 -15.40 -24.09 12.64
C ALA B 78 -16.44 -25.13 12.22
N PRO B 79 -16.09 -26.43 12.31
CA PRO B 79 -17.00 -27.54 11.97
C PRO B 79 -18.33 -27.54 12.72
N SER B 80 -18.33 -27.09 13.97
CA SER B 80 -19.55 -27.09 14.80
C SER B 80 -20.40 -25.84 14.58
N ALA B 81 -19.85 -24.85 13.87
CA ALA B 81 -20.56 -23.60 13.57
C ALA B 81 -21.67 -23.82 12.56
N PRO B 82 -22.88 -23.27 12.84
CA PRO B 82 -24.04 -23.46 11.97
C PRO B 82 -24.00 -22.54 10.74
N LEU B 83 -23.08 -22.82 9.83
CA LEU B 83 -22.97 -22.07 8.58
C LEU B 83 -22.70 -23.02 7.42
N THR B 84 -23.08 -22.63 6.20
CA THR B 84 -22.98 -23.49 5.03
C THR B 84 -22.35 -22.81 3.81
N SER B 85 -21.74 -23.65 2.95
CA SER B 85 -21.18 -23.21 1.68
C SER B 85 -22.08 -23.59 0.50
N GLU B 86 -23.21 -24.23 0.81
CA GLU B 86 -24.15 -24.78 -0.19
C GLU B 86 -24.65 -23.78 -1.21
N TYR B 87 -24.83 -22.52 -0.80
CA TYR B 87 -25.38 -21.49 -1.66
C TYR B 87 -24.28 -20.68 -2.35
N GLY B 88 -23.03 -21.00 -2.02
CA GLY B 88 -21.87 -20.26 -2.53
C GLY B 88 -20.94 -19.87 -1.40
N MET B 89 -19.66 -19.67 -1.74
CA MET B 89 -18.67 -19.29 -0.74
C MET B 89 -17.93 -17.98 -1.08
N MET B 90 -18.53 -17.20 -1.97
CA MET B 90 -17.98 -15.88 -2.34
C MET B 90 -19.06 -14.80 -2.36
N ILE B 91 -18.64 -13.56 -2.09
CA ILE B 91 -19.51 -12.39 -2.18
C ILE B 91 -20.16 -12.33 -3.56
N GLY B 92 -21.48 -12.16 -3.57
CA GLY B 92 -22.26 -12.21 -4.80
C GLY B 92 -23.34 -13.29 -4.71
N PHE B 93 -23.08 -14.31 -3.91
CA PHE B 93 -24.03 -15.39 -3.68
C PHE B 93 -24.59 -15.36 -2.25
N ASP B 94 -25.85 -15.76 -2.12
CA ASP B 94 -26.48 -15.99 -0.81
C ASP B 94 -27.61 -17.02 -0.92
N ARG B 95 -28.45 -17.12 0.12
CA ARG B 95 -29.53 -18.09 0.16
C ARG B 95 -30.58 -17.82 -0.95
N ASP B 96 -30.90 -16.55 -1.16
CA ASP B 96 -31.88 -16.15 -2.16
C ASP B 96 -31.27 -16.01 -3.57
N HIS B 97 -29.94 -15.97 -3.64
CA HIS B 97 -29.22 -15.88 -4.91
C HIS B 97 -28.09 -16.92 -4.93
N PRO B 98 -28.43 -18.20 -5.10
CA PRO B 98 -27.48 -19.28 -4.90
C PRO B 98 -26.52 -19.53 -6.06
N ASP B 99 -25.37 -20.11 -5.75
CA ASP B 99 -24.39 -20.54 -6.75
C ASP B 99 -24.97 -21.71 -7.54
N ASN B 100 -24.92 -21.62 -8.87
CA ASN B 100 -25.40 -22.68 -9.77
C ASN B 100 -24.70 -24.02 -9.53
N SER B 101 -23.49 -23.97 -9.00
CA SER B 101 -22.70 -25.18 -8.73
C SER B 101 -22.99 -25.79 -7.35
N GLY B 102 -23.86 -25.12 -6.58
CA GLY B 102 -24.18 -25.53 -5.21
C GLY B 102 -24.66 -26.97 -5.08
N GLY B 103 -24.01 -27.72 -4.19
CA GLY B 103 -24.32 -29.13 -3.97
C GLY B 103 -23.71 -30.08 -4.99
N ARG B 104 -23.06 -29.51 -6.00
CA ARG B 104 -22.43 -30.29 -7.07
C ARG B 104 -20.92 -30.19 -7.00
N MET B 105 -20.41 -28.95 -6.96
CA MET B 105 -18.97 -28.70 -6.85
C MET B 105 -18.54 -28.80 -5.38
N MET B 106 -17.43 -29.48 -5.15
CA MET B 106 -16.92 -29.77 -3.80
C MET B 106 -16.95 -28.56 -2.85
N VAL B 107 -16.37 -27.44 -3.29
CA VAL B 107 -16.21 -26.25 -2.44
C VAL B 107 -17.55 -25.57 -2.09
N VAL B 108 -18.60 -25.89 -2.86
CA VAL B 108 -19.95 -25.39 -2.56
C VAL B 108 -20.94 -26.52 -2.25
N SER B 109 -20.43 -27.61 -1.70
CA SER B 109 -21.27 -28.73 -1.27
C SER B 109 -21.02 -29.08 0.20
N GLU B 110 -21.98 -29.76 0.81
CA GLU B 110 -21.86 -30.14 2.22
C GLU B 110 -22.22 -31.60 2.43
N HIS B 111 -22.05 -32.08 3.66
CA HIS B 111 -22.46 -33.42 4.10
C HIS B 111 -21.81 -34.54 3.27
N GLU B 112 -22.59 -35.57 2.93
CA GLU B 112 -22.05 -36.76 2.24
C GLU B 112 -21.48 -36.49 0.86
N GLN B 113 -22.13 -35.61 0.09
CA GLN B 113 -21.64 -35.23 -1.24
C GLN B 113 -20.25 -34.59 -1.16
N HIS B 114 -20.07 -33.72 -0.16
CA HIS B 114 -18.78 -33.05 0.08
C HIS B 114 -17.71 -34.05 0.50
N ARG B 115 -18.07 -34.96 1.40
CA ARG B 115 -17.13 -35.96 1.90
C ARG B 115 -16.75 -36.95 0.79
N LYS B 116 -17.74 -37.35 -0.02
CA LYS B 116 -17.53 -38.21 -1.19
C LYS B 116 -16.50 -37.61 -2.15
N LEU B 117 -16.65 -36.32 -2.45
CA LEU B 117 -15.80 -35.63 -3.41
C LEU B 117 -14.38 -35.41 -2.90
N ARG B 118 -14.24 -35.08 -1.61
CA ARG B 118 -12.94 -35.00 -0.96
C ARG B 118 -12.23 -36.36 -0.98
N LYS B 119 -13.00 -37.43 -0.79
CA LYS B 119 -12.47 -38.80 -0.83
C LYS B 119 -11.96 -39.21 -2.21
N LEU B 120 -12.64 -38.75 -3.26
CA LEU B 120 -12.23 -39.07 -4.63
C LEU B 120 -11.03 -38.25 -5.10
N VAL B 121 -11.07 -36.95 -4.84
CA VAL B 121 -10.04 -36.01 -5.33
C VAL B 121 -8.81 -36.00 -4.42
N GLY B 122 -9.04 -36.13 -3.11
CA GLY B 122 -7.98 -36.07 -2.09
C GLY B 122 -6.66 -36.80 -2.32
N PRO B 123 -6.72 -38.10 -2.66
CA PRO B 123 -5.49 -38.88 -2.86
C PRO B 123 -4.59 -38.35 -3.99
N LEU B 124 -5.20 -37.62 -4.93
CA LEU B 124 -4.47 -37.00 -6.04
C LEU B 124 -3.74 -35.73 -5.62
N LEU B 125 -4.13 -35.18 -4.47
CA LEU B 125 -3.54 -33.95 -3.94
C LEU B 125 -2.82 -34.23 -2.62
N SER B 126 -2.67 -35.50 -2.27
CA SER B 126 -2.05 -35.91 -1.02
C SER B 126 -0.56 -35.54 -0.97
N ARG B 127 0.02 -35.60 0.22
CA ARG B 127 1.43 -35.29 0.42
C ARG B 127 2.32 -36.21 -0.43
N ALA B 128 1.92 -37.48 -0.52
CA ALA B 128 2.61 -38.46 -1.36
C ALA B 128 2.54 -38.12 -2.84
N ALA B 129 1.34 -37.75 -3.30
CA ALA B 129 1.14 -37.34 -4.69
C ALA B 129 1.89 -36.04 -4.99
N ALA B 130 1.91 -35.13 -4.02
CA ALA B 130 2.59 -33.85 -4.13
C ALA B 130 4.11 -33.99 -4.19
N ARG B 131 4.64 -35.02 -3.53
CA ARG B 131 6.06 -35.34 -3.60
C ARG B 131 6.47 -35.77 -5.01
N LYS B 132 5.56 -36.47 -5.69
CA LYS B 132 5.76 -36.84 -7.10
C LYS B 132 5.60 -35.62 -8.01
N LEU B 133 4.64 -34.75 -7.70
CA LEU B 133 4.41 -33.52 -8.46
C LEU B 133 5.51 -32.48 -8.25
N ALA B 134 6.29 -32.66 -7.18
CA ALA B 134 7.42 -31.78 -6.87
C ALA B 134 8.48 -31.81 -7.96
N GLU B 135 8.63 -32.97 -8.61
CA GLU B 135 9.55 -33.13 -9.73
C GLU B 135 9.21 -32.20 -10.90
N ARG B 136 7.92 -32.07 -11.19
CA ARG B 136 7.43 -31.20 -12.26
C ARG B 136 7.68 -29.72 -11.97
N VAL B 137 7.47 -29.30 -10.72
CA VAL B 137 7.74 -27.92 -10.30
C VAL B 137 9.21 -27.56 -10.56
N ARG B 138 10.11 -28.45 -10.15
CA ARG B 138 11.55 -28.24 -10.34
C ARG B 138 11.91 -28.00 -11.80
N ILE B 139 11.38 -28.86 -12.68
CA ILE B 139 11.62 -28.75 -14.12
C ILE B 139 11.01 -27.46 -14.68
N GLU B 140 9.79 -27.15 -14.23
CA GLU B 140 9.10 -25.94 -14.69
C GLU B 140 9.82 -24.66 -14.29
N VAL B 141 10.32 -24.62 -13.05
CA VAL B 141 11.13 -23.49 -12.58
C VAL B 141 12.43 -23.41 -13.36
N GLY B 142 13.03 -24.58 -13.63
CA GLY B 142 14.24 -24.69 -14.45
C GLY B 142 14.06 -24.14 -15.85
N ASP B 143 12.91 -24.45 -16.46
CA ASP B 143 12.58 -23.96 -17.80
CA ASP B 143 12.58 -23.96 -17.80
C ASP B 143 12.42 -22.44 -17.82
N VAL B 144 11.81 -21.90 -16.77
CA VAL B 144 11.63 -20.45 -16.60
C VAL B 144 12.99 -19.76 -16.51
N LEU B 145 13.86 -20.32 -15.68
CA LEU B 145 15.21 -19.76 -15.45
C LEU B 145 16.13 -19.89 -16.66
N GLY B 146 15.73 -20.71 -17.63
CA GLY B 146 16.45 -20.80 -18.91
C GLY B 146 16.28 -19.56 -19.76
N ARG B 147 15.22 -18.79 -19.48
CA ARG B 147 14.89 -17.59 -20.24
C ARG B 147 15.05 -16.29 -19.44
N VAL B 148 14.75 -16.33 -18.15
CA VAL B 148 14.74 -15.12 -17.32
C VAL B 148 16.10 -14.76 -16.71
N LEU B 149 17.05 -15.69 -16.73
CA LEU B 149 18.38 -15.44 -16.18
C LEU B 149 19.30 -14.65 -17.13
N ASP B 150 18.70 -14.07 -18.18
CA ASP B 150 19.38 -13.14 -19.06
C ASP B 150 19.49 -11.76 -18.42
N GLY B 151 18.71 -11.54 -17.36
CA GLY B 151 18.75 -10.30 -16.59
C GLY B 151 17.83 -9.20 -17.09
N GLU B 152 17.06 -9.51 -18.12
CA GLU B 152 16.08 -8.57 -18.67
C GLU B 152 14.83 -8.52 -17.81
N VAL B 153 14.05 -7.44 -17.97
CA VAL B 153 12.83 -7.23 -17.19
C VAL B 153 11.78 -8.32 -17.48
N CYS B 154 11.42 -9.05 -16.43
CA CYS B 154 10.41 -10.10 -16.51
C CYS B 154 9.25 -9.79 -15.58
N ASP B 155 8.03 -9.94 -16.10
CA ASP B 155 6.84 -9.84 -15.27
C ASP B 155 6.58 -11.19 -14.61
N ALA B 156 6.99 -11.30 -13.36
CA ALA B 156 6.84 -12.54 -12.58
C ALA B 156 5.37 -12.93 -12.42
N ALA B 157 4.49 -11.93 -12.41
CA ALA B 157 3.05 -12.15 -12.22
C ALA B 157 2.38 -12.89 -13.38
N THR B 158 2.99 -12.84 -14.56
CA THR B 158 2.44 -13.52 -15.75
C THR B 158 3.34 -14.62 -16.30
N ALA B 159 4.66 -14.48 -16.12
CA ALA B 159 5.62 -15.41 -16.72
C ALA B 159 6.08 -16.54 -15.80
N ILE B 160 5.93 -16.35 -14.49
CA ILE B 160 6.40 -17.35 -13.52
C ILE B 160 5.27 -17.83 -12.62
N GLY B 161 4.61 -16.87 -11.97
CA GLY B 161 3.51 -17.14 -11.04
C GLY B 161 2.47 -18.14 -11.53
N PRO B 162 1.87 -17.89 -12.71
CA PRO B 162 0.82 -18.78 -13.22
C PRO B 162 1.32 -20.08 -13.84
N ARG B 163 2.56 -20.10 -14.34
CA ARG B 163 3.11 -21.26 -15.06
C ARG B 163 3.23 -22.50 -14.20
N ILE B 164 3.86 -22.36 -13.03
CA ILE B 164 4.10 -23.50 -12.13
C ILE B 164 2.81 -24.21 -11.69
N PRO B 165 1.81 -23.47 -11.16
CA PRO B 165 0.55 -24.10 -10.75
C PRO B 165 -0.24 -24.74 -11.89
N ALA B 166 -0.20 -24.12 -13.06
CA ALA B 166 -0.89 -24.64 -14.25
C ALA B 166 -0.30 -25.96 -14.73
N ALA B 167 1.02 -26.06 -14.72
CA ALA B 167 1.72 -27.29 -15.07
C ALA B 167 1.36 -28.43 -14.11
N VAL B 168 1.31 -28.11 -12.81
CA VAL B 168 0.95 -29.09 -11.77
C VAL B 168 -0.48 -29.61 -11.97
N VAL B 169 -1.41 -28.69 -12.22
CA VAL B 169 -2.81 -29.05 -12.44
C VAL B 169 -2.98 -29.90 -13.71
N CYS B 170 -2.23 -29.57 -14.76
CA CYS B 170 -2.20 -30.38 -15.99
C CYS B 170 -1.86 -31.84 -15.68
N GLU B 171 -0.83 -32.04 -14.86
CA GLU B 171 -0.37 -33.37 -14.49
C GLU B 171 -1.40 -34.12 -13.65
N ILE B 172 -2.08 -33.40 -12.76
CA ILE B 172 -3.15 -33.97 -11.94
C ILE B 172 -4.32 -34.45 -12.83
N LEU B 173 -4.65 -33.65 -13.84
CA LEU B 173 -5.73 -33.97 -14.78
C LEU B 173 -5.33 -34.99 -15.84
N GLY B 174 -4.04 -35.33 -15.89
CA GLY B 174 -3.54 -36.29 -16.87
C GLY B 174 -3.47 -35.73 -18.27
N VAL B 175 -3.29 -34.40 -18.36
CA VAL B 175 -3.12 -33.73 -19.64
C VAL B 175 -1.81 -34.19 -20.28
N PRO B 176 -1.88 -34.78 -21.49
CA PRO B 176 -0.67 -35.22 -22.16
C PRO B 176 0.22 -34.06 -22.56
N ALA B 177 1.52 -34.32 -22.69
CA ALA B 177 2.52 -33.31 -23.02
C ALA B 177 2.12 -32.43 -24.20
N GLU B 178 1.58 -33.06 -25.24
CA GLU B 178 1.19 -32.40 -26.49
C GLU B 178 0.14 -31.31 -26.32
N ASP B 179 -0.64 -31.43 -25.24
CA ASP B 179 -1.73 -30.50 -24.96
C ASP B 179 -1.42 -29.51 -23.84
N GLU B 180 -0.27 -29.69 -23.20
CA GLU B 180 0.11 -28.88 -22.02
C GLU B 180 0.22 -27.38 -22.32
N ASP B 181 1.00 -27.03 -23.34
CA ASP B 181 1.24 -25.62 -23.67
C ASP B 181 -0.06 -24.85 -23.92
N MET B 182 -0.98 -25.47 -24.65
CA MET B 182 -2.30 -24.89 -24.92
C MET B 182 -3.06 -24.63 -23.62
N LEU B 183 -3.14 -25.66 -22.76
CA LEU B 183 -3.85 -25.54 -21.50
C LEU B 183 -3.22 -24.57 -20.50
N ILE B 184 -1.88 -24.54 -20.46
CA ILE B 184 -1.16 -23.64 -19.57
C ILE B 184 -1.39 -22.17 -19.94
N ASP B 185 -1.32 -21.88 -21.24
CA ASP B 185 -1.62 -20.54 -21.76
C ASP B 185 -3.06 -20.11 -21.46
N LEU B 186 -4.01 -21.03 -21.63
CA LEU B 186 -5.42 -20.76 -21.34
C LEU B 186 -5.67 -20.54 -19.85
N THR B 187 -5.03 -21.35 -19.02
CA THR B 187 -5.13 -21.25 -17.57
C THR B 187 -4.59 -19.91 -17.07
N ASN B 188 -3.42 -19.52 -17.61
CA ASN B 188 -2.81 -18.23 -17.29
C ASN B 188 -3.79 -17.08 -17.53
N HIS B 189 -4.41 -17.08 -18.71
CA HIS B 189 -5.35 -16.03 -19.10
C HIS B 189 -6.66 -16.08 -18.31
N ALA B 190 -7.12 -17.29 -18.01
CA ALA B 190 -8.42 -17.49 -17.33
C ALA B 190 -8.51 -16.83 -15.96
N PHE B 191 -7.39 -16.75 -15.25
CA PHE B 191 -7.37 -16.17 -13.91
C PHE B 191 -6.41 -14.98 -13.78
N GLY B 192 -6.10 -14.35 -14.90
CA GLY B 192 -5.26 -13.15 -14.91
C GLY B 192 -6.10 -11.88 -14.92
N GLY B 193 -5.55 -10.82 -15.49
CA GLY B 193 -6.25 -9.54 -15.63
C GLY B 193 -7.61 -9.69 -16.28
N GLU B 194 -8.62 -9.07 -15.66
CA GLU B 194 -10.01 -9.21 -16.08
C GLU B 194 -10.32 -8.55 -17.43
N ASP B 195 -9.67 -7.42 -17.70
CA ASP B 195 -9.96 -6.63 -18.90
C ASP B 195 -8.98 -6.87 -20.06
N GLU B 196 -8.08 -7.85 -19.88
CA GLU B 196 -7.06 -8.13 -20.90
C GLU B 196 -7.49 -9.23 -21.89
N LEU B 197 -6.80 -9.29 -23.02
CA LEU B 197 -7.13 -10.23 -24.10
C LEU B 197 -5.92 -11.05 -24.55
N PHE B 198 -6.18 -12.30 -24.93
CA PHE B 198 -5.16 -13.21 -25.42
C PHE B 198 -5.71 -14.00 -26.61
N ASP B 199 -5.14 -13.75 -27.79
CA ASP B 199 -5.62 -14.31 -29.06
C ASP B 199 -7.10 -14.00 -29.31
N GLY B 200 -7.50 -12.76 -28.98
CA GLY B 200 -8.88 -12.31 -29.15
C GLY B 200 -9.87 -12.87 -28.14
N MET B 201 -9.35 -13.50 -27.08
CA MET B 201 -10.18 -14.12 -26.05
C MET B 201 -10.18 -13.35 -24.73
N THR B 202 -11.32 -13.33 -24.06
CA THR B 202 -11.42 -12.83 -22.69
C THR B 202 -11.00 -13.93 -21.72
N PRO B 203 -10.69 -13.57 -20.46
CA PRO B 203 -10.41 -14.59 -19.43
C PRO B 203 -11.56 -15.61 -19.30
N ARG B 204 -12.80 -15.12 -19.31
CA ARG B 204 -14.00 -15.95 -19.28
C ARG B 204 -14.03 -16.94 -20.45
N GLN B 205 -13.65 -16.48 -21.64
CA GLN B 205 -13.59 -17.32 -22.84
C GLN B 205 -12.53 -18.41 -22.73
N ALA B 206 -11.37 -18.04 -22.18
CA ALA B 206 -10.29 -19.00 -21.96
C ALA B 206 -10.69 -20.07 -20.94
N HIS B 207 -11.43 -19.67 -19.91
CA HIS B 207 -11.97 -20.58 -18.91
C HIS B 207 -12.92 -21.60 -19.57
N THR B 208 -13.83 -21.09 -20.41
CA THR B 208 -14.79 -21.94 -21.11
C THR B 208 -14.08 -22.92 -22.04
N GLU B 209 -13.05 -22.44 -22.73
CA GLU B 209 -12.24 -23.27 -23.63
C GLU B 209 -11.58 -24.46 -22.92
N ILE B 210 -11.16 -24.24 -21.67
CA ILE B 210 -10.60 -25.32 -20.85
C ILE B 210 -11.67 -26.36 -20.53
N LEU B 211 -12.87 -25.88 -20.19
CA LEU B 211 -14.02 -26.72 -19.87
C LEU B 211 -14.45 -27.60 -21.06
N VAL B 212 -14.37 -27.04 -22.26
CA VAL B 212 -14.62 -27.81 -23.49
C VAL B 212 -13.56 -28.92 -23.65
N TYR B 213 -12.31 -28.57 -23.39
CA TYR B 213 -11.22 -29.55 -23.41
C TYR B 213 -11.40 -30.64 -22.35
N PHE B 214 -11.90 -30.25 -21.18
CA PHE B 214 -12.16 -31.21 -20.10
C PHE B 214 -13.21 -32.24 -20.48
N ASP B 215 -14.23 -31.80 -21.23
CA ASP B 215 -15.27 -32.68 -21.75
C ASP B 215 -14.68 -33.71 -22.70
N GLU B 216 -13.71 -33.27 -23.52
CA GLU B 216 -13.00 -34.15 -24.44
C GLU B 216 -12.12 -35.14 -23.69
N LEU B 217 -11.56 -34.72 -22.55
CA LEU B 217 -10.83 -35.62 -21.67
C LEU B 217 -11.76 -36.67 -21.05
N ILE B 218 -12.93 -36.21 -20.60
CA ILE B 218 -13.95 -37.08 -19.98
C ILE B 218 -14.34 -38.23 -20.93
N THR B 219 -14.61 -37.90 -22.18
CA THR B 219 -14.99 -38.88 -23.20
C THR B 219 -13.84 -39.86 -23.49
N ALA B 220 -12.61 -39.35 -23.52
CA ALA B 220 -11.42 -40.16 -23.77
C ALA B 220 -11.08 -41.08 -22.59
N ARG B 221 -11.33 -40.61 -21.37
CA ARG B 221 -11.00 -41.38 -20.17
C ARG B 221 -12.01 -42.50 -19.89
N ARG B 222 -13.22 -42.39 -20.43
CA ARG B 222 -14.23 -43.44 -20.30
C ARG B 222 -13.83 -44.73 -21.02
N LYS B 223 -13.12 -44.59 -22.13
CA LYS B 223 -12.66 -45.75 -22.90
C LYS B 223 -11.22 -46.16 -22.57
N GLU B 224 -10.42 -45.19 -22.11
CA GLU B 224 -9.04 -45.45 -21.69
C GLU B 224 -8.75 -44.79 -20.34
N PRO B 225 -9.24 -45.39 -19.23
CA PRO B 225 -9.05 -44.78 -17.92
C PRO B 225 -7.63 -44.98 -17.39
N GLY B 226 -7.14 -43.98 -16.66
CA GLY B 226 -5.83 -44.04 -16.03
C GLY B 226 -5.91 -43.76 -14.53
N ASP B 227 -4.88 -43.12 -14.00
CA ASP B 227 -4.81 -42.82 -12.56
C ASP B 227 -5.02 -41.33 -12.28
N ASP B 228 -5.35 -40.58 -13.33
CA ASP B 228 -5.54 -39.13 -13.26
C ASP B 228 -6.87 -38.75 -12.60
N LEU B 229 -7.06 -37.44 -12.43
CA LEU B 229 -8.27 -36.90 -11.79
C LEU B 229 -9.54 -37.18 -12.59
N VAL B 230 -9.50 -36.91 -13.90
CA VAL B 230 -10.65 -37.15 -14.77
C VAL B 230 -11.08 -38.62 -14.70
N SER B 231 -10.11 -39.54 -14.83
CA SER B 231 -10.36 -40.97 -14.72
C SER B 231 -11.00 -41.36 -13.40
N THR B 232 -10.47 -40.81 -12.30
CA THR B 232 -10.98 -41.10 -10.96
C THR B 232 -12.45 -40.67 -10.83
N LEU B 233 -12.77 -39.50 -11.37
CA LEU B 233 -14.14 -38.97 -11.31
C LEU B 233 -15.13 -39.71 -12.22
N VAL B 234 -14.70 -40.08 -13.42
CA VAL B 234 -15.58 -40.72 -14.40
C VAL B 234 -15.88 -42.21 -14.09
N THR B 235 -14.90 -42.91 -13.52
CA THR B 235 -15.05 -44.33 -13.20
C THR B 235 -15.95 -44.55 -11.98
N ASP B 236 -16.28 -43.47 -11.29
CA ASP B 236 -17.24 -43.52 -10.19
C ASP B 236 -18.65 -43.43 -10.75
N ASP B 237 -19.44 -44.48 -10.51
CA ASP B 237 -20.73 -44.68 -11.19
C ASP B 237 -21.87 -43.75 -10.79
N ASP B 238 -21.78 -43.13 -9.62
CA ASP B 238 -22.87 -42.29 -9.11
C ASP B 238 -22.78 -40.81 -9.51
N LEU B 239 -21.60 -40.36 -9.94
CA LEU B 239 -21.41 -38.98 -10.37
C LEU B 239 -21.94 -38.75 -11.79
N THR B 240 -22.67 -37.65 -11.96
CA THR B 240 -23.19 -37.26 -13.27
C THR B 240 -22.09 -36.57 -14.08
N ILE B 241 -22.28 -36.52 -15.39
CA ILE B 241 -21.34 -35.84 -16.31
C ILE B 241 -21.05 -34.40 -15.88
N ASP B 242 -22.09 -33.68 -15.47
CA ASP B 242 -21.97 -32.30 -15.00
C ASP B 242 -21.14 -32.22 -13.71
N ASP B 243 -21.34 -33.18 -12.81
CA ASP B 243 -20.60 -33.23 -11.56
C ASP B 243 -19.11 -33.52 -11.74
N VAL B 244 -18.77 -34.31 -12.76
CA VAL B 244 -17.38 -34.57 -13.11
C VAL B 244 -16.71 -33.30 -13.62
N LEU B 245 -17.38 -32.61 -14.55
CA LEU B 245 -16.86 -31.39 -15.14
C LEU B 245 -16.66 -30.29 -14.09
N LEU B 246 -17.66 -30.08 -13.24
CA LEU B 246 -17.60 -29.06 -12.20
C LEU B 246 -16.49 -29.28 -11.17
N ASN B 247 -16.24 -30.55 -10.85
CA ASN B 247 -15.20 -30.88 -9.88
C ASN B 247 -13.79 -30.86 -10.47
N CYS B 248 -13.69 -31.10 -11.78
CA CYS B 248 -12.46 -30.81 -12.53
C CYS B 248 -12.22 -29.30 -12.51
N ASP B 249 -13.30 -28.54 -12.64
CA ASP B 249 -13.23 -27.08 -12.59
C ASP B 249 -12.82 -26.58 -11.21
N ASN B 250 -13.30 -27.25 -10.15
CA ASN B 250 -12.90 -26.93 -8.78
C ASN B 250 -11.38 -27.05 -8.60
N VAL B 251 -10.79 -28.09 -9.19
CA VAL B 251 -9.35 -28.30 -9.14
C VAL B 251 -8.61 -27.27 -10.02
N LEU B 252 -9.15 -27.00 -11.21
CA LEU B 252 -8.59 -25.99 -12.10
C LEU B 252 -8.54 -24.62 -11.41
N ILE B 253 -9.69 -24.17 -10.93
CA ILE B 253 -9.79 -22.89 -10.21
C ILE B 253 -8.96 -22.93 -8.92
N GLY B 254 -9.21 -23.94 -8.09
CA GLY B 254 -8.54 -24.09 -6.80
C GLY B 254 -7.02 -24.13 -6.88
N GLY B 255 -6.50 -24.86 -7.86
CA GLY B 255 -5.07 -25.03 -8.04
C GLY B 255 -4.33 -23.85 -8.66
N ASN B 256 -5.07 -22.93 -9.29
CA ASN B 256 -4.46 -21.88 -10.09
C ASN B 256 -4.75 -20.44 -9.66
N GLU B 257 -6.01 -20.14 -9.38
CA GLU B 257 -6.45 -18.75 -9.15
C GLU B 257 -5.72 -18.11 -7.96
N THR B 258 -5.54 -18.86 -6.88
CA THR B 258 -4.83 -18.39 -5.69
C THR B 258 -3.33 -18.65 -5.77
N THR B 259 -2.95 -19.86 -6.16
CA THR B 259 -1.56 -20.33 -6.09
C THR B 259 -0.58 -19.45 -6.87
N ARG B 260 -1.01 -18.94 -8.02
CA ARG B 260 -0.17 -18.07 -8.86
C ARG B 260 0.36 -16.85 -8.09
N HIS B 261 -0.46 -16.31 -7.21
CA HIS B 261 -0.11 -15.12 -6.43
C HIS B 261 0.79 -15.43 -5.24
N ALA B 262 0.67 -16.65 -4.71
CA ALA B 262 1.60 -17.13 -3.68
C ALA B 262 2.99 -17.29 -4.28
N ILE B 263 3.06 -17.83 -5.49
CA ILE B 263 4.33 -18.00 -6.21
C ILE B 263 4.96 -16.65 -6.55
N THR B 264 4.14 -15.74 -7.10
CA THR B 264 4.60 -14.38 -7.42
C THR B 264 5.03 -13.67 -6.13
N GLY B 265 4.26 -13.88 -5.06
CA GLY B 265 4.58 -13.34 -3.75
C GLY B 265 5.91 -13.83 -3.21
N ALA B 266 6.22 -15.09 -3.47
CA ALA B 266 7.51 -15.69 -3.09
C ALA B 266 8.67 -14.97 -3.78
N VAL B 267 8.51 -14.71 -5.08
CA VAL B 267 9.49 -13.93 -5.85
C VAL B 267 9.59 -12.51 -5.28
N HIS B 268 8.44 -11.91 -4.98
CA HIS B 268 8.37 -10.58 -4.38
C HIS B 268 9.11 -10.52 -3.03
N ALA B 269 8.95 -11.57 -2.23
CA ALA B 269 9.63 -11.67 -0.93
C ALA B 269 11.15 -11.76 -1.09
N LEU B 270 11.60 -12.59 -2.03
CA LEU B 270 13.04 -12.75 -2.30
C LEU B 270 13.70 -11.46 -2.78
N ALA B 271 12.90 -10.59 -3.39
CA ALA B 271 13.38 -9.31 -3.94
C ALA B 271 13.40 -8.18 -2.92
N THR B 272 12.58 -8.27 -1.87
CA THR B 272 12.38 -7.17 -0.93
C THR B 272 12.81 -7.46 0.51
N VAL B 273 12.89 -8.74 0.86
CA VAL B 273 13.30 -9.12 2.22
C VAL B 273 14.82 -9.28 2.29
N PRO B 274 15.49 -8.42 3.08
CA PRO B 274 16.94 -8.42 3.20
C PRO B 274 17.49 -9.70 3.83
N GLY B 275 18.34 -10.41 3.09
CA GLY B 275 19.02 -11.59 3.59
C GLY B 275 18.33 -12.92 3.36
N LEU B 276 17.05 -12.87 2.98
CA LEU B 276 16.23 -14.07 2.82
C LEU B 276 16.79 -15.08 1.82
N LEU B 277 17.10 -14.60 0.61
CA LEU B 277 17.61 -15.45 -0.47
C LEU B 277 18.98 -16.06 -0.14
N THR B 278 19.81 -15.28 0.54
CA THR B 278 21.12 -15.76 0.99
C THR B 278 20.96 -16.77 2.13
N ALA B 279 20.00 -16.49 3.02
CA ALA B 279 19.72 -17.35 4.16
C ALA B 279 19.15 -18.71 3.77
N LEU B 280 18.40 -18.76 2.67
CA LEU B 280 17.85 -20.01 2.15
C LEU B 280 18.93 -20.88 1.51
N ARG B 281 19.90 -20.21 0.87
CA ARG B 281 21.00 -20.89 0.18
C ARG B 281 22.01 -21.50 1.15
N ASP B 282 22.39 -20.75 2.19
CA ASP B 282 23.36 -21.24 3.17
C ASP B 282 22.75 -22.16 4.23
N GLY B 283 21.44 -22.04 4.43
CA GLY B 283 20.70 -22.92 5.33
C GLY B 283 20.29 -22.31 6.66
N SER B 284 20.53 -21.01 6.85
CA SER B 284 20.16 -20.33 8.08
C SER B 284 18.67 -20.01 8.17
N ALA B 285 17.98 -20.07 7.02
CA ALA B 285 16.53 -19.98 6.96
C ALA B 285 15.96 -21.35 6.59
N ASP B 286 14.99 -21.82 7.38
CA ASP B 286 14.34 -23.09 7.13
C ASP B 286 13.29 -22.90 6.02
N VAL B 287 13.45 -23.65 4.92
CA VAL B 287 12.59 -23.50 3.75
C VAL B 287 11.09 -23.63 4.09
N ASP B 288 10.74 -24.66 4.86
CA ASP B 288 9.34 -24.92 5.23
C ASP B 288 8.75 -23.82 6.11
N THR B 289 9.58 -23.25 6.98
CA THR B 289 9.19 -22.10 7.81
C THR B 289 8.97 -20.86 6.94
N VAL B 290 9.81 -20.69 5.92
CA VAL B 290 9.67 -19.59 4.96
C VAL B 290 8.42 -19.76 4.10
N VAL B 291 8.11 -21.00 3.72
CA VAL B 291 6.90 -21.31 2.97
C VAL B 291 5.66 -20.82 3.71
N GLU B 292 5.61 -21.11 5.01
CA GLU B 292 4.49 -20.69 5.86
C GLU B 292 4.39 -19.17 5.92
N GLU B 293 5.52 -18.49 5.98
CA GLU B 293 5.53 -17.03 6.05
C GLU B 293 5.12 -16.40 4.72
N VAL B 294 5.45 -17.04 3.61
CA VAL B 294 4.97 -16.60 2.30
C VAL B 294 3.44 -16.71 2.25
N LEU B 295 2.91 -17.83 2.75
CA LEU B 295 1.46 -18.06 2.78
C LEU B 295 0.71 -17.04 3.63
N ARG B 296 1.22 -16.76 4.82
CA ARG B 296 0.62 -15.76 5.71
C ARG B 296 0.69 -14.36 5.10
N TRP B 297 1.88 -14.01 4.61
CA TRP B 297 2.19 -12.68 4.08
C TRP B 297 1.38 -12.33 2.82
N THR B 298 1.21 -13.31 1.92
CA THR B 298 0.50 -13.10 0.66
C THR B 298 -1.01 -13.28 0.77
N SER B 299 -1.44 -14.22 1.62
CA SER B 299 -2.86 -14.57 1.80
C SER B 299 -3.69 -14.37 0.52
N PRO B 300 -3.43 -15.18 -0.52
CA PRO B 300 -4.02 -15.00 -1.86
C PRO B 300 -5.55 -15.08 -1.91
N ALA B 301 -6.14 -15.94 -1.09
CA ALA B 301 -7.61 -15.99 -0.98
C ALA B 301 -8.06 -14.87 -0.06
N MET B 302 -8.67 -13.83 -0.64
CA MET B 302 -9.00 -12.61 0.09
C MET B 302 -10.18 -12.76 1.04
N HIS B 303 -11.16 -13.58 0.66
CA HIS B 303 -12.31 -13.83 1.52
C HIS B 303 -12.97 -15.16 1.22
N VAL B 304 -13.69 -15.68 2.22
CA VAL B 304 -14.60 -16.80 2.04
C VAL B 304 -15.95 -16.43 2.64
N LEU B 305 -17.03 -16.78 1.95
CA LEU B 305 -18.37 -16.48 2.42
C LEU B 305 -19.05 -17.75 2.95
N ARG B 306 -19.88 -17.57 3.96
CA ARG B 306 -20.75 -18.63 4.47
C ARG B 306 -22.15 -18.06 4.68
N VAL B 307 -23.16 -18.92 4.65
CA VAL B 307 -24.54 -18.53 4.94
C VAL B 307 -25.00 -19.30 6.17
N THR B 308 -25.58 -18.60 7.14
CA THR B 308 -26.05 -19.21 8.40
C THR B 308 -27.19 -20.19 8.16
N THR B 309 -27.18 -21.30 8.91
CA THR B 309 -28.18 -22.35 8.78
C THR B 309 -29.22 -22.29 9.89
N ALA B 310 -28.87 -21.59 10.98
CA ALA B 310 -29.75 -21.41 12.12
C ALA B 310 -29.54 -20.03 12.74
N ASP B 311 -30.27 -19.75 13.82
CA ASP B 311 -30.08 -18.52 14.59
C ASP B 311 -28.77 -18.59 15.37
N VAL B 312 -27.87 -17.65 15.11
CA VAL B 312 -26.53 -17.65 15.71
C VAL B 312 -26.17 -16.24 16.20
N THR B 313 -25.38 -16.18 17.27
CA THR B 313 -24.79 -14.93 17.73
C THR B 313 -23.29 -14.94 17.39
N ILE B 314 -22.89 -14.01 16.53
CA ILE B 314 -21.50 -13.87 16.10
C ILE B 314 -20.99 -12.47 16.43
N ASN B 315 -19.95 -12.40 17.27
CA ASN B 315 -19.33 -11.14 17.71
C ASN B 315 -20.31 -10.14 18.34
N GLY B 316 -21.28 -10.65 19.09
CA GLY B 316 -22.24 -9.82 19.81
C GLY B 316 -23.50 -9.48 19.02
N ARG B 317 -23.51 -9.82 17.73
CA ARG B 317 -24.66 -9.54 16.87
C ARG B 317 -25.49 -10.81 16.65
N ASP B 318 -26.78 -10.73 16.94
CA ASP B 318 -27.68 -11.86 16.75
C ASP B 318 -28.20 -11.91 15.32
N LEU B 319 -27.87 -12.98 14.61
CA LEU B 319 -28.19 -13.14 13.20
C LEU B 319 -29.27 -14.20 12.96
N PRO B 320 -30.24 -13.90 12.08
CA PRO B 320 -31.27 -14.88 11.72
C PRO B 320 -30.75 -15.92 10.74
N SER B 321 -31.49 -17.00 10.57
CA SER B 321 -31.15 -18.07 9.63
C SER B 321 -31.16 -17.57 8.19
N GLY B 322 -30.09 -17.85 7.46
CA GLY B 322 -29.95 -17.44 6.07
C GLY B 322 -29.25 -16.11 5.89
N THR B 323 -28.33 -15.80 6.80
CA THR B 323 -27.58 -14.54 6.73
C THR B 323 -26.14 -14.82 6.26
N PRO B 324 -25.69 -14.08 5.23
CA PRO B 324 -24.32 -14.21 4.73
C PRO B 324 -23.28 -13.60 5.69
N VAL B 325 -22.22 -14.37 5.95
CA VAL B 325 -21.11 -13.92 6.81
C VAL B 325 -19.79 -14.19 6.07
N VAL B 326 -18.94 -13.17 6.02
CA VAL B 326 -17.67 -13.25 5.29
C VAL B 326 -16.47 -13.17 6.23
N ALA B 327 -15.52 -14.09 6.03
CA ALA B 327 -14.26 -14.08 6.75
C ALA B 327 -13.15 -13.55 5.83
N TRP B 328 -12.52 -12.45 6.24
CA TRP B 328 -11.44 -11.85 5.47
C TRP B 328 -10.09 -12.36 5.94
N LEU B 329 -9.60 -13.39 5.24
CA LEU B 329 -8.41 -14.15 5.66
C LEU B 329 -7.10 -13.34 5.78
N PRO B 330 -6.84 -12.39 4.86
CA PRO B 330 -5.61 -11.58 4.99
C PRO B 330 -5.60 -10.69 6.23
N ALA B 331 -6.79 -10.28 6.68
CA ALA B 331 -6.93 -9.48 7.90
C ALA B 331 -6.59 -10.32 9.14
N ALA B 332 -7.08 -11.55 9.14
CA ALA B 332 -6.82 -12.50 10.22
C ALA B 332 -5.34 -12.90 10.29
N ASN B 333 -4.70 -12.97 9.13
CA ASN B 333 -3.30 -13.36 9.06
C ASN B 333 -2.32 -12.24 9.43
N ARG B 334 -2.88 -11.07 9.73
CA ARG B 334 -2.09 -9.95 10.27
C ARG B 334 -2.69 -9.39 11.56
N ASP B 335 -3.57 -10.18 12.18
CA ASP B 335 -4.17 -9.85 13.48
C ASP B 335 -3.08 -9.83 14.55
N PRO B 336 -2.84 -8.64 15.16
CA PRO B 336 -1.80 -8.49 16.17
C PRO B 336 -2.02 -9.33 17.44
N ALA B 337 -3.25 -9.78 17.65
CA ALA B 337 -3.56 -10.67 18.77
C ALA B 337 -3.03 -12.09 18.54
N GLU B 338 -2.67 -12.39 17.28
CA GLU B 338 -2.15 -13.70 16.91
C GLU B 338 -0.70 -13.63 16.40
N PHE B 339 -0.37 -12.54 15.70
CA PHE B 339 0.95 -12.38 15.09
C PHE B 339 1.64 -11.09 15.54
N ASP B 340 2.81 -11.24 16.16
CA ASP B 340 3.65 -10.09 16.52
C ASP B 340 4.29 -9.53 15.25
N ASP B 341 4.41 -8.20 15.19
CA ASP B 341 4.94 -7.50 14.01
CA ASP B 341 4.94 -7.50 14.02
C ASP B 341 4.39 -8.12 12.71
N PRO B 342 3.05 -8.06 12.53
CA PRO B 342 2.41 -8.77 11.41
C PRO B 342 2.73 -8.25 10.01
N ASP B 343 3.17 -7.00 9.90
CA ASP B 343 3.51 -6.41 8.61
C ASP B 343 4.93 -6.72 8.16
N THR B 344 5.74 -7.28 9.05
CA THR B 344 7.10 -7.67 8.71
C THR B 344 7.16 -9.15 8.30
N PHE B 345 7.83 -9.41 7.18
CA PHE B 345 8.10 -10.77 6.75
C PHE B 345 9.21 -11.34 7.63
N LEU B 346 8.85 -12.26 8.52
CA LEU B 346 9.81 -12.94 9.40
C LEU B 346 10.11 -14.34 8.85
N PRO B 347 11.32 -14.53 8.27
CA PRO B 347 11.69 -15.81 7.65
C PRO B 347 11.59 -17.01 8.61
N GLY B 348 11.81 -16.77 9.90
CA GLY B 348 11.71 -17.82 10.91
C GLY B 348 10.53 -17.66 11.85
N ARG B 349 9.43 -17.10 11.35
CA ARG B 349 8.24 -16.84 12.16
C ARG B 349 7.67 -18.10 12.82
N LYS B 350 7.66 -18.07 14.16
CA LYS B 350 7.11 -19.14 14.97
C LYS B 350 6.48 -18.57 16.24
N PRO B 351 5.22 -18.92 16.52
CA PRO B 351 4.36 -19.78 15.69
C PRO B 351 3.77 -19.04 14.49
N ASN B 352 3.20 -19.80 13.55
CA ASN B 352 2.57 -19.23 12.36
C ASN B 352 1.26 -19.94 12.05
N ARG B 353 0.23 -19.62 12.84
CA ARG B 353 -1.07 -20.27 12.72
C ARG B 353 -1.99 -19.53 11.75
N HIS B 354 -1.48 -19.25 10.55
CA HIS B 354 -2.25 -18.55 9.53
C HIS B 354 -3.43 -19.38 9.02
N ILE B 355 -4.44 -18.70 8.51
CA ILE B 355 -5.60 -19.36 7.92
C ILE B 355 -5.72 -19.06 6.43
N THR B 356 -4.57 -18.98 5.76
CA THR B 356 -4.48 -18.76 4.32
C THR B 356 -5.27 -19.82 3.52
N PHE B 357 -5.27 -21.05 4.04
CA PHE B 357 -5.99 -22.16 3.41
C PHE B 357 -7.42 -22.33 3.94
N GLY B 358 -7.87 -21.33 4.71
CA GLY B 358 -9.17 -21.42 5.35
C GLY B 358 -9.08 -22.26 6.61
N HIS B 359 -10.20 -22.87 6.99
CA HIS B 359 -10.33 -23.54 8.28
C HIS B 359 -11.55 -24.47 8.27
N GLY B 360 -11.48 -25.53 9.07
CA GLY B 360 -12.60 -26.44 9.23
C GLY B 360 -12.78 -27.43 8.10
N MET B 361 -14.04 -27.72 7.77
CA MET B 361 -14.40 -28.79 6.84
C MET B 361 -13.97 -28.53 5.39
N HIS B 362 -13.93 -27.26 4.99
CA HIS B 362 -13.56 -26.90 3.62
C HIS B 362 -12.09 -26.48 3.48
N HIS B 363 -11.31 -26.67 4.54
CA HIS B 363 -9.89 -26.36 4.53
C HIS B 363 -9.23 -26.90 3.26
N CYS B 364 -8.46 -26.04 2.60
CA CYS B 364 -7.89 -26.33 1.29
C CYS B 364 -7.40 -27.76 1.10
N LEU B 365 -8.05 -28.49 0.20
CA LEU B 365 -7.66 -29.86 -0.13
C LEU B 365 -6.26 -29.91 -0.76
N GLY B 366 -5.86 -28.82 -1.42
CA GLY B 366 -4.55 -28.75 -2.08
C GLY B 366 -3.47 -28.09 -1.24
N SER B 367 -3.69 -27.98 0.07
CA SER B 367 -2.75 -27.29 0.95
C SER B 367 -1.36 -27.92 0.98
N ALA B 368 -1.30 -29.25 1.02
CA ALA B 368 -0.02 -29.96 1.01
C ALA B 368 0.72 -29.75 -0.31
N LEU B 369 -0.03 -29.64 -1.40
CA LEU B 369 0.53 -29.42 -2.73
C LEU B 369 1.00 -27.97 -2.92
N ALA B 370 0.19 -27.01 -2.48
CA ALA B 370 0.56 -25.60 -2.53
C ALA B 370 1.85 -25.35 -1.76
N ARG B 371 1.96 -25.96 -0.58
CA ARG B 371 3.15 -25.87 0.28
C ARG B 371 4.39 -26.47 -0.40
N ILE B 372 4.21 -27.60 -1.08
CA ILE B 372 5.29 -28.23 -1.82
C ILE B 372 5.71 -27.41 -3.06
N GLU B 373 4.72 -26.85 -3.76
CA GLU B 373 4.97 -25.97 -4.90
C GLU B 373 5.85 -24.78 -4.48
N LEU B 374 5.47 -24.12 -3.39
CA LEU B 374 6.25 -23.01 -2.84
C LEU B 374 7.63 -23.45 -2.36
N SER B 375 7.69 -24.63 -1.73
CA SER B 375 8.94 -25.18 -1.21
C SER B 375 9.98 -25.42 -2.30
N VAL B 376 9.54 -26.01 -3.42
CA VAL B 376 10.43 -26.29 -4.55
C VAL B 376 10.83 -24.99 -5.27
N VAL B 377 9.87 -24.08 -5.45
CA VAL B 377 10.15 -22.79 -6.09
C VAL B 377 11.25 -22.02 -5.34
N LEU B 378 11.12 -21.95 -4.01
CA LEU B 378 12.09 -21.23 -3.18
C LEU B 378 13.48 -21.83 -3.19
N ARG B 379 13.57 -23.16 -3.12
CA ARG B 379 14.87 -23.82 -3.03
C ARG B 379 15.58 -23.96 -4.37
N VAL B 380 14.83 -24.12 -5.47
CA VAL B 380 15.42 -24.14 -6.81
C VAL B 380 15.86 -22.72 -7.20
N LEU B 381 15.10 -21.72 -6.73
CA LEU B 381 15.43 -20.31 -6.97
C LEU B 381 16.65 -19.90 -6.15
N ALA B 382 16.80 -20.50 -4.97
CA ALA B 382 17.97 -20.26 -4.12
C ALA B 382 19.22 -20.95 -4.65
N GLU B 383 19.02 -22.08 -5.32
CA GLU B 383 20.12 -22.86 -5.92
C GLU B 383 20.77 -22.15 -7.10
N ARG B 384 19.98 -21.34 -7.81
CA ARG B 384 20.43 -20.74 -9.07
C ARG B 384 20.52 -19.21 -9.07
N VAL B 385 19.60 -18.56 -8.36
CA VAL B 385 19.54 -17.09 -8.34
C VAL B 385 20.27 -16.52 -7.12
N SER B 386 21.11 -15.53 -7.36
CA SER B 386 21.87 -14.86 -6.30
C SER B 386 21.16 -13.62 -5.75
N ARG B 387 20.44 -12.93 -6.63
CA ARG B 387 19.72 -11.71 -6.27
C ARG B 387 18.55 -11.44 -7.20
N VAL B 388 17.41 -11.06 -6.63
CA VAL B 388 16.23 -10.65 -7.39
C VAL B 388 15.99 -9.16 -7.13
N ASP B 389 15.88 -8.37 -8.20
CA ASP B 389 15.66 -6.93 -8.08
C ASP B 389 14.28 -6.53 -8.60
N LEU B 390 13.59 -5.73 -7.79
CA LEU B 390 12.27 -5.21 -8.16
C LEU B 390 12.42 -3.95 -9.00
N GLU B 391 12.00 -4.04 -10.27
CA GLU B 391 12.11 -2.92 -11.21
C GLU B 391 11.09 -1.84 -10.94
N ARG B 392 9.82 -2.23 -10.88
CA ARG B 392 8.73 -1.30 -10.57
C ARG B 392 7.87 -1.85 -9.43
N GLU B 393 7.15 -0.96 -8.76
CA GLU B 393 6.26 -1.33 -7.67
C GLU B 393 5.11 -2.22 -8.20
N PRO B 394 4.75 -3.28 -7.45
CA PRO B 394 3.70 -4.20 -7.87
C PRO B 394 2.36 -3.52 -8.12
N ALA B 395 1.67 -3.98 -9.17
CA ALA B 395 0.30 -3.58 -9.44
C ALA B 395 -0.62 -4.72 -9.01
N TRP B 396 -1.79 -4.36 -8.48
CA TRP B 396 -2.72 -5.33 -7.93
C TRP B 396 -3.98 -5.50 -8.78
N LEU B 397 -4.51 -6.71 -8.81
CA LEU B 397 -5.74 -7.00 -9.53
C LEU B 397 -6.94 -6.36 -8.84
N ARG B 398 -7.81 -5.76 -9.65
CA ARG B 398 -9.10 -5.25 -9.16
C ARG B 398 -10.03 -6.45 -8.99
N ALA B 399 -10.01 -7.03 -7.79
CA ALA B 399 -10.78 -8.22 -7.47
C ALA B 399 -11.01 -8.35 -5.97
N ILE B 400 -12.04 -9.12 -5.59
CA ILE B 400 -12.32 -9.42 -4.19
C ILE B 400 -12.17 -10.91 -3.86
N VAL B 401 -12.11 -11.74 -4.89
CA VAL B 401 -11.88 -13.18 -4.74
C VAL B 401 -10.44 -13.44 -4.30
N VAL B 402 -9.49 -12.81 -4.99
CA VAL B 402 -8.08 -12.98 -4.67
C VAL B 402 -7.39 -11.66 -4.35
N GLN B 403 -6.39 -11.74 -3.48
CA GLN B 403 -5.42 -10.68 -3.28
C GLN B 403 -4.30 -10.99 -4.29
N GLY B 404 -4.42 -10.40 -5.48
CA GLY B 404 -3.60 -10.83 -6.61
C GLY B 404 -2.72 -9.79 -7.26
N TYR B 405 -1.58 -10.26 -7.77
CA TYR B 405 -0.65 -9.43 -8.54
C TYR B 405 -1.14 -9.31 -9.98
N ARG B 406 -1.26 -8.07 -10.46
CA ARG B 406 -1.49 -7.82 -11.88
C ARG B 406 -0.14 -7.82 -12.59
N GLU B 407 0.86 -7.24 -11.93
CA GLU B 407 2.20 -7.09 -12.50
C GLU B 407 3.25 -7.11 -11.38
N LEU B 408 4.37 -7.77 -11.65
CA LEU B 408 5.56 -7.68 -10.80
C LEU B 408 6.84 -7.72 -11.65
N PRO B 409 7.23 -6.55 -12.20
CA PRO B 409 8.44 -6.45 -13.03
C PRO B 409 9.71 -6.64 -12.21
N VAL B 410 10.50 -7.66 -12.55
CA VAL B 410 11.71 -7.99 -11.81
C VAL B 410 12.90 -8.27 -12.73
N ARG B 411 14.11 -8.23 -12.14
CA ARG B 411 15.33 -8.65 -12.82
C ARG B 411 16.01 -9.77 -12.03
N PHE B 412 16.40 -10.83 -12.74
CA PHE B 412 17.07 -11.97 -12.11
C PHE B 412 18.57 -11.98 -12.41
N THR B 413 19.35 -12.21 -11.36
CA THR B 413 20.81 -12.37 -11.51
C THR B 413 21.24 -13.69 -10.86
N GLY B 414 21.86 -14.55 -11.65
CA GLY B 414 22.32 -15.85 -11.18
C GLY B 414 22.97 -16.72 -12.23
N ARG B 415 23.13 -18.00 -11.91
CA ARG B 415 23.77 -18.96 -12.80
C ARG B 415 22.92 -20.22 -12.97
#